data_6GJH
#
_entry.id   6GJH
#
_cell.length_a   56.810
_cell.length_b   157.670
_cell.length_c   57.870
_cell.angle_alpha   90.000
_cell.angle_beta   95.450
_cell.angle_gamma   90.000
#
_symmetry.space_group_name_H-M   'P 1 21 1'
#
loop_
_entity.id
_entity.type
_entity.pdbx_description
1 polymer 'Heat shock protein beta-1'
2 polymer ALA-LEU-SER-ARG-GLN
3 polymer LEU-SER-GLY-VAL
4 polymer ALA-LEU-SER-ARG
5 non-polymer GLYCEROL
6 water water
#
loop_
_entity_poly.entity_id
_entity_poly.type
_entity_poly.pdbx_seq_one_letter_code
_entity_poly.pdbx_strand_id
1 'polypeptide(L)'
;GVSEIRHTADRWRVSLDVNHFAPDELTVKTKDGVVEITGKHEERQDEHGYISRCFTRKYTLPPGVDPTQVSSSLSPEGTL
TVEAPMP
;
A,B,E,F,G,H,C,D
2 'polypeptide(L)' ALSRQ K
3 'polypeptide(L)' LSGV J
4 'polypeptide(L)' ALSR L,I
#
# COMPACT_ATOMS: atom_id res chain seq x y z
N GLY A 1 61.43 -12.62 10.93
CA GLY A 1 60.34 -11.84 10.34
C GLY A 1 60.51 -10.35 10.58
N VAL A 2 59.86 -9.55 9.73
CA VAL A 2 59.89 -8.10 9.83
C VAL A 2 58.46 -7.58 9.75
N SER A 3 58.27 -6.36 10.27
CA SER A 3 56.96 -5.74 10.22
C SER A 3 56.58 -5.43 8.77
N GLU A 4 55.31 -5.06 8.59
CA GLU A 4 54.73 -4.92 7.26
C GLU A 4 53.90 -3.65 7.17
N ILE A 5 53.95 -3.01 6.01
CA ILE A 5 53.11 -1.86 5.68
C ILE A 5 52.09 -2.33 4.64
N ARG A 6 50.81 -2.09 4.90
CA ARG A 6 49.73 -2.51 4.03
C ARG A 6 48.90 -1.32 3.59
N HIS A 7 48.43 -1.37 2.34
CA HIS A 7 47.47 -0.39 1.86
C HIS A 7 46.12 -0.61 2.55
N THR A 8 45.31 0.44 2.57
CA THR A 8 44.00 0.42 3.19
C THR A 8 42.94 0.77 2.15
N ALA A 9 41.73 0.27 2.36
CA ALA A 9 40.65 0.44 1.40
C ALA A 9 40.14 1.88 1.42
N ASP A 10 39.72 2.35 0.25
CA ASP A 10 39.06 3.64 0.15
C ASP A 10 37.77 3.64 0.97
N ARG A 11 37.21 4.83 1.17
N ARG A 11 37.21 4.83 1.18
CA ARG A 11 36.00 5.01 1.97
CA ARG A 11 36.00 4.99 1.97
C ARG A 11 34.99 5.84 1.20
C ARG A 11 34.98 5.84 1.20
N TRP A 12 33.72 5.44 1.30
CA TRP A 12 32.61 6.17 0.72
C TRP A 12 32.01 7.09 1.78
N ARG A 13 31.60 8.29 1.39
CA ARG A 13 31.20 9.30 2.35
C ARG A 13 30.11 10.21 1.78
N VAL A 14 29.11 10.51 2.61
CA VAL A 14 28.14 11.56 2.34
C VAL A 14 27.94 12.36 3.62
N SER A 15 27.58 13.64 3.46
CA SER A 15 27.37 14.55 4.59
C SER A 15 26.01 15.22 4.46
N LEU A 16 25.38 15.46 5.61
CA LEU A 16 24.01 15.98 5.64
C LEU A 16 23.86 16.89 6.86
N ASP A 17 23.26 18.07 6.66
CA ASP A 17 23.01 19.02 7.73
C ASP A 17 21.68 18.69 8.38
N VAL A 18 21.70 18.43 9.69
CA VAL A 18 20.49 18.08 10.43
C VAL A 18 20.47 18.81 11.77
N ASN A 19 20.84 20.09 11.77
CA ASN A 19 21.00 20.81 13.04
C ASN A 19 19.68 20.94 13.80
N HIS A 20 18.54 20.80 13.14
CA HIS A 20 17.26 20.88 13.82
C HIS A 20 16.93 19.65 14.64
N PHE A 21 17.69 18.57 14.50
CA PHE A 21 17.37 17.29 15.12
C PHE A 21 18.46 16.88 16.11
N ALA A 22 18.04 16.37 17.26
CA ALA A 22 18.94 15.84 18.26
C ALA A 22 19.35 14.42 17.89
N PRO A 23 20.36 13.87 18.56
CA PRO A 23 20.78 12.50 18.24
C PRO A 23 19.66 11.48 18.38
N ASP A 24 18.92 11.53 19.49
CA ASP A 24 17.84 10.58 19.72
C ASP A 24 16.64 10.81 18.81
N GLU A 25 16.71 11.77 17.90
CA GLU A 25 15.65 12.01 16.92
C GLU A 25 16.07 11.64 15.50
N LEU A 26 17.18 10.91 15.35
CA LEU A 26 17.68 10.49 14.05
C LEU A 26 17.93 8.98 14.06
N THR A 27 17.67 8.34 12.91
CA THR A 27 17.95 6.93 12.73
C THR A 27 18.62 6.73 11.39
N VAL A 28 19.59 5.81 11.34
CA VAL A 28 20.30 5.47 10.11
C VAL A 28 20.14 3.97 9.89
N LYS A 29 19.61 3.60 8.74
CA LYS A 29 19.32 2.20 8.42
C LYS A 29 19.76 1.91 6.99
N THR A 30 20.21 0.68 6.77
CA THR A 30 20.61 0.22 5.46
C THR A 30 19.75 -0.97 5.05
N LYS A 31 19.29 -0.96 3.80
CA LYS A 31 18.42 -2.02 3.31
C LYS A 31 18.48 -2.04 1.78
N ASP A 32 18.80 -3.21 1.22
CA ASP A 32 18.80 -3.41 -0.23
C ASP A 32 19.78 -2.46 -0.92
N GLY A 33 20.92 -2.21 -0.27
CA GLY A 33 21.92 -1.34 -0.86
C GLY A 33 21.58 0.13 -0.81
N VAL A 34 20.66 0.53 0.06
CA VAL A 34 20.25 1.93 0.19
C VAL A 34 20.34 2.31 1.66
N VAL A 35 21.01 3.43 1.94
CA VAL A 35 21.06 3.98 3.29
C VAL A 35 19.88 4.92 3.47
N GLU A 36 19.15 4.74 4.57
CA GLU A 36 17.94 5.51 4.86
C GLU A 36 18.18 6.31 6.13
N ILE A 37 18.03 7.63 6.03
CA ILE A 37 18.23 8.54 7.15
C ILE A 37 16.89 9.20 7.45
N THR A 38 16.37 8.97 8.67
CA THR A 38 15.09 9.51 9.09
C THR A 38 15.27 10.44 10.28
N GLY A 39 14.60 11.58 10.23
CA GLY A 39 14.57 12.50 11.35
C GLY A 39 13.15 12.88 11.68
N LYS A 40 12.86 13.04 12.98
CA LYS A 40 11.52 13.39 13.44
C LYS A 40 11.61 13.92 14.86
N HIS A 41 11.07 15.11 15.08
CA HIS A 41 11.01 15.70 16.41
C HIS A 41 9.62 16.26 16.67
N GLU A 42 9.13 16.05 17.89
CA GLU A 42 7.80 16.49 18.26
C GLU A 42 7.75 18.01 18.37
N GLU A 43 6.55 18.52 18.60
CA GLU A 43 6.34 19.97 18.65
C GLU A 43 7.18 20.60 19.76
N ARG A 44 7.88 21.66 19.42
CA ARG A 44 8.62 22.44 20.40
C ARG A 44 8.57 23.90 20.02
N GLN A 45 8.81 24.77 20.99
CA GLN A 45 8.78 26.20 20.77
C GLN A 45 10.11 26.68 20.19
N ASP A 46 10.03 27.59 19.21
CA ASP A 46 11.22 28.24 18.70
C ASP A 46 11.02 29.76 18.68
N GLU A 47 11.87 30.48 17.96
CA GLU A 47 11.83 31.94 17.99
C GLU A 47 10.61 32.52 17.27
N HIS A 48 9.86 31.70 16.54
CA HIS A 48 8.68 32.17 15.82
C HIS A 48 7.37 31.60 16.34
N GLY A 49 7.41 30.49 17.06
CA GLY A 49 6.21 29.85 17.58
C GLY A 49 6.45 28.41 17.94
N TYR A 50 5.66 27.50 17.38
CA TYR A 50 5.80 26.08 17.61
C TYR A 50 5.99 25.36 16.29
N ILE A 51 6.76 24.27 16.31
CA ILE A 51 7.22 23.62 15.09
C ILE A 51 7.50 22.15 15.37
N SER A 52 7.07 21.29 14.44
CA SER A 52 7.46 19.90 14.39
C SER A 52 7.90 19.58 12.96
N ARG A 53 8.82 18.62 12.82
CA ARG A 53 9.43 18.32 11.54
C ARG A 53 9.63 16.83 11.35
N CYS A 54 9.65 16.39 10.10
N CYS A 54 9.63 16.39 10.10
CA CYS A 54 9.96 15.00 9.78
CA CYS A 54 9.89 15.00 9.74
C CYS A 54 10.51 14.93 8.37
C CYS A 54 10.55 14.98 8.36
N PHE A 55 11.48 14.04 8.16
CA PHE A 55 12.07 13.85 6.84
C PHE A 55 12.66 12.45 6.73
N THR A 56 12.79 12.00 5.49
CA THR A 56 13.45 10.73 5.17
C THR A 56 14.24 10.92 3.88
N ARG A 57 15.56 10.72 3.95
CA ARG A 57 16.43 10.84 2.79
C ARG A 57 17.15 9.52 2.55
N LYS A 58 17.44 9.25 1.28
CA LYS A 58 18.04 7.98 0.87
C LYS A 58 19.29 8.22 0.03
N TYR A 59 20.21 7.27 0.09
CA TYR A 59 21.40 7.25 -0.74
C TYR A 59 21.63 5.84 -1.23
N THR A 60 22.05 5.71 -2.49
CA THR A 60 22.35 4.41 -3.08
C THR A 60 23.83 4.12 -2.91
N LEU A 61 24.14 2.99 -2.27
CA LEU A 61 25.53 2.64 -2.02
C LEU A 61 26.19 2.17 -3.33
N PRO A 62 27.50 2.36 -3.47
CA PRO A 62 28.20 1.78 -4.61
C PRO A 62 28.12 0.26 -4.59
N PRO A 63 28.26 -0.39 -5.74
CA PRO A 63 28.19 -1.85 -5.74
C PRO A 63 29.39 -2.48 -5.04
N GLY A 64 29.11 -3.49 -4.22
CA GLY A 64 30.15 -4.23 -3.52
C GLY A 64 30.35 -3.84 -2.07
N VAL A 65 29.64 -2.83 -1.58
CA VAL A 65 29.84 -2.35 -0.21
C VAL A 65 29.10 -3.27 0.76
N ASP A 66 29.78 -3.61 1.85
CA ASP A 66 29.21 -4.43 2.91
C ASP A 66 28.27 -3.57 3.75
N PRO A 67 26.96 -3.81 3.71
CA PRO A 67 26.03 -2.92 4.43
C PRO A 67 26.22 -2.94 5.94
N THR A 68 26.81 -4.00 6.50
CA THR A 68 27.04 -4.05 7.93
C THR A 68 28.21 -3.16 8.38
N GLN A 69 28.97 -2.61 7.43
CA GLN A 69 30.10 -1.75 7.74
C GLN A 69 29.79 -0.27 7.55
N VAL A 70 28.52 0.09 7.45
CA VAL A 70 28.13 1.49 7.35
C VAL A 70 28.05 2.07 8.76
N SER A 71 28.64 3.25 8.96
CA SER A 71 28.64 3.91 10.24
C SER A 71 28.36 5.39 10.03
N SER A 72 28.06 6.09 11.12
CA SER A 72 27.73 7.50 11.05
C SER A 72 28.19 8.19 12.33
N SER A 73 28.21 9.51 12.30
CA SER A 73 28.62 10.32 13.44
C SER A 73 28.08 11.73 13.26
N LEU A 74 27.59 12.30 14.36
CA LEU A 74 27.03 13.64 14.35
C LEU A 74 28.02 14.63 14.97
N SER A 75 28.26 15.73 14.28
CA SER A 75 29.15 16.76 14.80
C SER A 75 28.38 17.71 15.72
N PRO A 76 29.10 18.46 16.57
CA PRO A 76 28.39 19.44 17.41
C PRO A 76 27.65 20.49 16.60
N GLU A 77 28.13 20.82 15.40
CA GLU A 77 27.47 21.80 14.56
C GLU A 77 26.17 21.29 13.95
N GLY A 78 25.91 19.99 14.01
CA GLY A 78 24.70 19.42 13.46
C GLY A 78 24.86 18.76 12.10
N THR A 79 26.07 18.38 11.71
CA THR A 79 26.31 17.72 10.44
C THR A 79 26.49 16.23 10.67
N LEU A 80 25.72 15.42 9.93
CA LEU A 80 25.77 13.97 10.05
C LEU A 80 26.58 13.42 8.87
N THR A 81 27.64 12.69 9.19
CA THR A 81 28.50 12.06 8.19
C THR A 81 28.29 10.56 8.24
N VAL A 82 27.96 9.97 7.09
CA VAL A 82 27.80 8.52 6.95
C VAL A 82 28.89 8.03 5.99
N GLU A 83 29.55 6.93 6.36
CA GLU A 83 30.60 6.39 5.52
C GLU A 83 30.65 4.87 5.68
N ALA A 84 31.40 4.24 4.77
CA ALA A 84 31.55 2.78 4.75
C ALA A 84 32.75 2.45 3.87
N PRO A 85 33.42 1.33 4.11
CA PRO A 85 34.59 0.99 3.31
C PRO A 85 34.24 0.40 1.96
N MET A 86 35.06 0.72 0.97
CA MET A 86 34.90 0.18 -0.37
C MET A 86 35.49 -1.21 -0.46
N PRO A 87 35.06 -2.02 -1.46
CA PRO A 87 35.59 -3.38 -1.61
C PRO A 87 37.12 -3.43 -1.68
N GLY B 1 12.78 31.45 0.44
CA GLY B 1 11.80 32.31 1.05
C GLY B 1 12.35 33.12 2.22
N VAL B 2 11.47 33.80 2.94
CA VAL B 2 11.84 34.63 4.08
C VAL B 2 10.89 34.34 5.22
N SER B 3 11.43 34.00 6.39
CA SER B 3 10.65 33.66 7.57
C SER B 3 10.79 34.80 8.57
N GLU B 4 9.98 35.83 8.40
CA GLU B 4 10.06 37.03 9.23
C GLU B 4 8.66 37.46 9.66
N ILE B 5 8.63 38.38 10.62
CA ILE B 5 7.39 38.95 11.15
C ILE B 5 7.24 40.35 10.59
N ARG B 6 6.03 40.69 10.14
CA ARG B 6 5.79 41.96 9.46
C ARG B 6 4.49 42.59 9.95
N HIS B 7 4.30 42.61 11.27
CA HIS B 7 3.10 43.18 11.84
C HIS B 7 3.07 44.70 11.66
N THR B 8 1.87 45.24 11.56
CA THR B 8 1.66 46.69 11.54
C THR B 8 0.46 47.01 12.43
N ALA B 9 0.17 48.31 12.57
CA ALA B 9 -0.95 48.73 13.40
C ALA B 9 -2.27 48.21 12.88
N ASP B 10 -2.39 48.02 11.56
CA ASP B 10 -3.64 47.65 10.93
C ASP B 10 -3.66 46.23 10.38
N ARG B 11 -2.55 45.49 10.47
CA ARG B 11 -2.50 44.15 9.90
C ARG B 11 -1.53 43.26 10.66
N TRP B 12 -2.02 42.09 11.06
CA TRP B 12 -1.17 41.01 11.51
C TRP B 12 -0.67 40.24 10.28
N ARG B 13 0.65 40.09 10.15
CA ARG B 13 1.23 39.51 8.95
C ARG B 13 2.53 38.80 9.28
N VAL B 14 2.67 37.57 8.79
CA VAL B 14 3.89 36.79 8.95
C VAL B 14 4.23 36.15 7.61
N SER B 15 5.53 35.93 7.40
CA SER B 15 6.03 35.24 6.21
C SER B 15 6.84 34.03 6.63
N LEU B 16 6.85 33.01 5.78
CA LEU B 16 7.51 31.74 6.08
C LEU B 16 8.12 31.17 4.81
N ASP B 17 9.36 30.69 4.94
CA ASP B 17 10.09 30.11 3.81
C ASP B 17 9.74 28.64 3.67
N VAL B 18 9.12 28.27 2.55
CA VAL B 18 8.71 26.89 2.30
C VAL B 18 9.06 26.51 0.87
N ASN B 19 10.26 26.88 0.42
CA ASN B 19 10.65 26.72 -0.98
C ASN B 19 10.66 25.26 -1.43
N HIS B 20 10.62 24.30 -0.52
CA HIS B 20 10.61 22.89 -0.89
C HIS B 20 9.21 22.34 -1.12
N PHE B 21 8.17 23.15 -0.96
CA PHE B 21 6.79 22.69 -1.03
C PHE B 21 6.03 23.46 -2.11
N ALA B 22 5.16 22.75 -2.83
CA ALA B 22 4.33 23.34 -3.86
C ALA B 22 3.03 23.87 -3.26
N PRO B 23 2.31 24.71 -3.99
CA PRO B 23 1.05 25.26 -3.44
C PRO B 23 0.09 24.19 -2.93
N ASP B 24 -0.08 23.10 -3.69
CA ASP B 24 -1.01 22.05 -3.30
C ASP B 24 -0.48 21.14 -2.20
N GLU B 25 0.74 21.39 -1.70
CA GLU B 25 1.31 20.62 -0.61
C GLU B 25 1.26 21.37 0.71
N LEU B 26 0.55 22.49 0.77
CA LEU B 26 0.47 23.34 1.95
C LEU B 26 -1.00 23.59 2.31
N THR B 27 -1.26 23.68 3.61
CA THR B 27 -2.60 24.00 4.10
C THR B 27 -2.51 24.95 5.29
N VAL B 28 -3.42 25.91 5.34
CA VAL B 28 -3.48 26.90 6.42
C VAL B 28 -4.89 26.86 6.99
N LYS B 29 -4.99 26.62 8.31
CA LYS B 29 -6.27 26.57 9.00
C LYS B 29 -6.16 27.34 10.31
N THR B 30 -7.24 28.04 10.67
CA THR B 30 -7.29 28.86 11.87
C THR B 30 -8.39 28.33 12.77
N LYS B 31 -8.03 28.00 14.01
CA LYS B 31 -8.99 27.47 14.98
C LYS B 31 -8.53 27.86 16.38
N ASP B 32 -9.47 28.30 17.20
CA ASP B 32 -9.21 28.63 18.61
C ASP B 32 -8.11 29.69 18.72
N GLY B 33 -8.12 30.66 17.81
CA GLY B 33 -7.14 31.72 17.85
C GLY B 33 -5.71 31.27 17.59
N VAL B 34 -5.54 30.23 16.77
CA VAL B 34 -4.21 29.72 16.43
C VAL B 34 -4.20 29.41 14.94
N VAL B 35 -3.19 29.92 14.23
CA VAL B 35 -2.97 29.59 12.83
C VAL B 35 -2.09 28.36 12.76
N GLU B 36 -2.53 27.34 12.02
CA GLU B 36 -1.79 26.10 11.87
C GLU B 36 -1.42 25.91 10.40
N ILE B 37 -0.13 25.78 10.13
CA ILE B 37 0.40 25.63 8.78
C ILE B 37 1.01 24.24 8.68
N THR B 38 0.54 23.45 7.71
CA THR B 38 1.01 22.10 7.49
C THR B 38 1.56 21.95 6.08
N GLY B 39 2.69 21.26 5.96
CA GLY B 39 3.27 20.96 4.68
C GLY B 39 3.70 19.51 4.60
N LYS B 40 3.62 18.95 3.40
CA LYS B 40 3.97 17.56 3.18
C LYS B 40 4.13 17.30 1.69
N HIS B 41 5.28 16.73 1.30
CA HIS B 41 5.48 16.30 -0.08
C HIS B 41 6.06 14.89 -0.10
N GLU B 42 5.68 14.15 -1.13
CA GLU B 42 6.09 12.76 -1.27
C GLU B 42 7.56 12.67 -1.64
N GLU B 43 8.09 11.45 -1.59
CA GLU B 43 9.49 11.22 -1.93
C GLU B 43 9.75 11.66 -3.37
N ARG B 44 10.73 12.54 -3.54
CA ARG B 44 11.09 13.02 -4.87
CA ARG B 44 11.09 13.03 -4.86
C ARG B 44 12.58 13.35 -4.90
N GLN B 45 13.13 13.39 -6.11
CA GLN B 45 14.54 13.68 -6.30
C GLN B 45 14.81 15.16 -6.14
N ASP B 46 15.85 15.50 -5.39
CA ASP B 46 16.38 16.86 -5.38
C ASP B 46 17.84 16.83 -5.80
N GLU B 47 18.59 17.90 -5.53
N GLU B 47 18.59 17.90 -5.53
CA GLU B 47 19.97 17.98 -5.96
CA GLU B 47 19.97 17.99 -5.95
C GLU B 47 20.87 16.96 -5.26
C GLU B 47 20.86 16.95 -5.27
N HIS B 48 20.37 16.25 -4.25
CA HIS B 48 21.17 15.26 -3.52
C HIS B 48 20.63 13.84 -3.57
N GLY B 49 19.37 13.64 -3.96
CA GLY B 49 18.78 12.32 -4.00
C GLY B 49 17.32 12.37 -3.65
N TYR B 50 16.79 11.23 -3.21
CA TYR B 50 15.38 11.08 -2.90
C TYR B 50 15.09 11.53 -1.47
N ILE B 51 14.05 12.33 -1.30
CA ILE B 51 13.76 12.97 -0.01
C ILE B 51 12.25 13.20 0.10
N SER B 52 11.71 13.01 1.30
CA SER B 52 10.36 13.40 1.66
C SER B 52 10.39 14.24 2.92
N ARG B 53 9.46 15.19 3.02
CA ARG B 53 9.46 16.15 4.12
C ARG B 53 8.05 16.37 4.65
N CYS B 54 7.96 16.72 5.93
N CYS B 54 7.97 16.69 5.94
CA CYS B 54 6.70 17.08 6.55
CA CYS B 54 6.71 17.05 6.60
C CYS B 54 6.97 17.97 7.76
C CYS B 54 7.01 18.02 7.73
N PHE B 55 6.07 18.93 7.98
CA PHE B 55 6.21 19.85 9.09
C PHE B 55 4.86 20.44 9.47
N THR B 56 4.74 20.81 10.75
CA THR B 56 3.57 21.53 11.26
C THR B 56 4.07 22.73 12.05
N ARG B 57 3.57 23.92 11.69
CA ARG B 57 3.99 25.18 12.27
C ARG B 57 2.76 25.92 12.79
N LYS B 58 2.88 26.51 13.98
CA LYS B 58 1.76 27.17 14.63
C LYS B 58 2.14 28.58 15.08
N TYR B 59 1.24 29.53 14.84
CA TYR B 59 1.35 30.88 15.37
C TYR B 59 0.14 31.17 16.25
N THR B 60 0.35 32.00 17.26
CA THR B 60 -0.73 32.46 18.14
C THR B 60 -1.18 33.85 17.70
N LEU B 61 -2.48 33.99 17.49
CA LEU B 61 -3.07 35.25 17.05
C LEU B 61 -3.44 36.13 18.22
N PRO B 62 -3.54 37.44 18.02
CA PRO B 62 -4.07 38.30 19.07
C PRO B 62 -5.58 38.12 19.19
N PRO B 63 -6.16 38.38 20.36
CA PRO B 63 -7.60 38.16 20.53
C PRO B 63 -8.42 39.02 19.59
N GLY B 64 -9.58 38.49 19.21
CA GLY B 64 -10.55 39.22 18.42
C GLY B 64 -10.41 39.07 16.92
N VAL B 65 -9.42 38.32 16.44
CA VAL B 65 -9.24 38.14 15.01
C VAL B 65 -10.34 37.23 14.45
N ASP B 66 -10.94 37.65 13.35
CA ASP B 66 -11.96 36.86 12.67
C ASP B 66 -11.27 35.83 11.77
N PRO B 67 -11.40 34.53 12.06
CA PRO B 67 -10.66 33.54 11.25
C PRO B 67 -11.10 33.48 9.79
N THR B 68 -12.29 33.97 9.46
CA THR B 68 -12.74 33.95 8.07
C THR B 68 -12.05 35.00 7.22
N GLN B 69 -11.25 35.89 7.82
CA GLN B 69 -10.54 36.93 7.08
C GLN B 69 -9.04 36.66 6.99
N VAL B 70 -8.59 35.44 7.30
CA VAL B 70 -7.19 35.10 7.20
C VAL B 70 -6.88 34.75 5.74
N SER B 71 -5.90 35.45 5.17
CA SER B 71 -5.48 35.25 3.78
C SER B 71 -4.10 34.61 3.76
N SER B 72 -3.88 33.72 2.78
CA SER B 72 -2.59 33.06 2.62
C SER B 72 -2.30 32.88 1.14
N SER B 73 -1.04 33.11 0.76
CA SER B 73 -0.64 32.99 -0.64
C SER B 73 0.85 32.68 -0.71
N LEU B 74 1.24 31.95 -1.75
CA LEU B 74 2.62 31.51 -1.94
C LEU B 74 3.23 32.21 -3.15
N SER B 75 4.38 32.85 -2.94
CA SER B 75 5.08 33.52 -4.01
C SER B 75 5.85 32.53 -4.88
N PRO B 76 6.24 32.92 -6.09
CA PRO B 76 7.05 32.01 -6.91
C PRO B 76 8.44 31.74 -6.34
N GLU B 77 8.91 32.55 -5.40
CA GLU B 77 10.19 32.31 -4.74
C GLU B 77 10.08 31.38 -3.55
N GLY B 78 8.87 30.99 -3.16
CA GLY B 78 8.67 30.05 -2.05
C GLY B 78 8.41 30.68 -0.71
N THR B 79 7.90 31.91 -0.67
CA THR B 79 7.54 32.58 0.58
C THR B 79 6.04 32.51 0.77
N LEU B 80 5.60 31.86 1.85
CA LEU B 80 4.19 31.80 2.20
C LEU B 80 3.87 32.96 3.14
N THR B 81 2.92 33.79 2.75
CA THR B 81 2.51 34.95 3.54
C THR B 81 1.11 34.72 4.09
N VAL B 82 0.96 34.86 5.40
CA VAL B 82 -0.33 34.76 6.08
C VAL B 82 -0.59 36.10 6.77
N GLU B 83 -1.76 36.68 6.52
CA GLU B 83 -2.08 37.99 7.06
C GLU B 83 -3.56 38.06 7.42
N ALA B 84 -3.89 39.03 8.28
CA ALA B 84 -5.25 39.23 8.76
C ALA B 84 -5.37 40.64 9.30
N PRO B 85 -6.55 41.25 9.24
CA PRO B 85 -6.71 42.61 9.78
C PRO B 85 -6.81 42.61 11.30
N MET B 86 -6.21 43.64 11.90
CA MET B 86 -6.25 43.80 13.35
C MET B 86 -7.62 44.31 13.78
N PRO B 87 -8.16 43.84 14.93
CA PRO B 87 -9.46 44.32 15.39
C PRO B 87 -9.52 45.83 15.59
N GLY C 1 -41.88 18.82 -44.51
CA GLY C 1 -40.56 18.28 -44.22
C GLY C 1 -40.50 16.78 -44.42
N VAL C 2 -39.28 16.25 -44.55
CA VAL C 2 -39.04 14.83 -44.72
C VAL C 2 -38.17 14.34 -43.58
N SER C 3 -38.12 13.01 -43.42
CA SER C 3 -37.25 12.41 -42.43
C SER C 3 -35.80 12.41 -42.91
N GLU C 4 -34.88 12.24 -41.98
CA GLU C 4 -33.46 12.28 -42.28
C GLU C 4 -32.75 11.06 -41.69
N ILE C 5 -31.73 10.61 -42.41
CA ILE C 5 -30.85 9.55 -41.93
C ILE C 5 -29.56 10.20 -41.46
N ARG C 6 -29.00 9.70 -40.37
CA ARG C 6 -27.77 10.25 -39.81
C ARG C 6 -26.74 9.16 -39.59
N HIS C 7 -25.48 9.50 -39.84
CA HIS C 7 -24.38 8.61 -39.56
C HIS C 7 -24.14 8.52 -38.05
N THR C 8 -23.51 7.42 -37.65
CA THR C 8 -23.21 7.16 -36.24
C THR C 8 -21.73 6.86 -36.10
N ALA C 9 -21.18 7.24 -34.95
CA ALA C 9 -19.74 7.13 -34.71
C ALA C 9 -19.33 5.67 -34.54
N ASP C 10 -18.11 5.36 -35.01
CA ASP C 10 -17.51 4.06 -34.77
C ASP C 10 -17.48 3.75 -33.29
N ARG C 11 -17.29 2.48 -32.93
CA ARG C 11 -17.27 2.07 -31.53
C ARG C 11 -16.08 1.16 -31.28
N TRP C 12 -15.36 1.43 -30.20
CA TRP C 12 -14.30 0.55 -29.73
C TRP C 12 -14.90 -0.54 -28.85
N ARG C 13 -14.39 -1.77 -29.00
CA ARG C 13 -14.95 -2.87 -28.23
C ARG C 13 -13.89 -3.92 -27.94
N VAL C 14 -14.11 -4.62 -26.82
CA VAL C 14 -13.34 -5.80 -26.44
C VAL C 14 -14.31 -6.81 -25.84
N SER C 15 -13.93 -8.08 -25.88
CA SER C 15 -14.79 -9.17 -25.44
C SER C 15 -14.00 -10.10 -24.52
N LEU C 16 -14.69 -10.64 -23.51
CA LEU C 16 -14.02 -11.41 -22.48
C LEU C 16 -14.98 -12.48 -21.94
N ASP C 17 -14.45 -13.69 -21.74
CA ASP C 17 -15.21 -14.79 -21.18
C ASP C 17 -15.10 -14.77 -19.66
N VAL C 18 -16.24 -14.77 -18.97
CA VAL C 18 -16.29 -14.69 -17.52
C VAL C 18 -17.42 -15.57 -17.00
N ASN C 19 -17.59 -16.75 -17.60
CA ASN C 19 -18.74 -17.58 -17.31
C ASN C 19 -18.83 -18.01 -15.85
N HIS C 20 -17.70 -18.03 -15.13
CA HIS C 20 -17.71 -18.45 -13.73
C HIS C 20 -18.21 -17.37 -12.79
N PHE C 21 -18.51 -16.17 -13.28
CA PHE C 21 -18.85 -15.04 -12.44
C PHE C 21 -20.25 -14.52 -12.75
N ALA C 22 -20.89 -13.98 -11.74
CA ALA C 22 -22.25 -13.46 -11.82
C ALA C 22 -22.24 -11.96 -12.06
N PRO C 23 -23.38 -11.38 -12.45
CA PRO C 23 -23.41 -9.92 -12.67
C PRO C 23 -23.02 -9.11 -11.45
N ASP C 24 -23.51 -9.49 -10.27
CA ASP C 24 -23.13 -8.80 -9.04
C ASP C 24 -21.71 -9.11 -8.59
N GLU C 25 -20.94 -9.87 -9.39
CA GLU C 25 -19.57 -10.22 -9.05
C GLU C 25 -18.57 -9.62 -10.03
N LEU C 26 -19.02 -8.79 -10.97
CA LEU C 26 -18.16 -8.14 -11.95
C LEU C 26 -18.30 -6.63 -11.84
N THR C 27 -17.17 -5.93 -11.96
CA THR C 27 -17.15 -4.47 -11.95
C THR C 27 -16.34 -3.96 -13.12
N VAL C 28 -16.79 -2.87 -13.72
CA VAL C 28 -16.11 -2.22 -14.84
C VAL C 28 -15.86 -0.77 -14.45
N LYS C 29 -14.58 -0.39 -14.39
CA LYS C 29 -14.20 0.94 -13.95
C LYS C 29 -13.14 1.48 -14.90
N THR C 30 -13.10 2.81 -15.03
CA THR C 30 -12.11 3.48 -15.87
C THR C 30 -11.24 4.38 -15.02
N LYS C 31 -9.93 4.33 -15.26
CA LYS C 31 -8.96 5.16 -14.54
C LYS C 31 -7.89 5.62 -15.51
N ASP C 32 -7.79 6.93 -15.69
CA ASP C 32 -6.72 7.54 -16.50
C ASP C 32 -6.60 6.86 -17.87
N GLY C 33 -7.75 6.71 -18.53
CA GLY C 33 -7.76 6.13 -19.86
C GLY C 33 -7.54 4.64 -19.90
N VAL C 34 -7.83 3.93 -18.80
CA VAL C 34 -7.65 2.49 -18.72
C VAL C 34 -8.92 1.87 -18.17
N VAL C 35 -9.46 0.88 -18.87
CA VAL C 35 -10.62 0.13 -18.40
C VAL C 35 -10.12 -1.04 -17.56
N GLU C 36 -10.72 -1.20 -16.38
CA GLU C 36 -10.34 -2.22 -15.42
C GLU C 36 -11.55 -3.09 -15.11
N ILE C 37 -11.45 -4.38 -15.42
CA ILE C 37 -12.52 -5.35 -15.15
C ILE C 37 -12.07 -6.24 -14.01
N THR C 38 -12.86 -6.27 -12.94
CA THR C 38 -12.56 -7.08 -11.75
C THR C 38 -13.68 -8.10 -11.54
N GLY C 39 -13.30 -9.36 -11.34
CA GLY C 39 -14.23 -10.41 -11.00
C GLY C 39 -13.81 -11.09 -9.71
N LYS C 40 -14.80 -11.43 -8.89
CA LYS C 40 -14.53 -12.07 -7.60
C LYS C 40 -15.80 -12.75 -7.12
N HIS C 41 -15.70 -14.04 -6.81
CA HIS C 41 -16.82 -14.78 -6.24
C HIS C 41 -16.32 -15.61 -5.06
N GLU C 42 -17.12 -15.62 -3.99
CA GLU C 42 -16.75 -16.31 -2.77
C GLU C 42 -16.80 -17.83 -2.99
N GLU C 43 -16.36 -18.56 -1.96
CA GLU C 43 -16.26 -20.01 -2.06
C GLU C 43 -17.63 -20.62 -2.36
N ARG C 44 -17.69 -21.43 -3.42
CA ARG C 44 -18.88 -22.20 -3.76
C ARG C 44 -18.46 -23.64 -4.02
N GLN C 45 -19.46 -24.52 -4.10
CA GLN C 45 -19.21 -25.92 -4.40
C GLN C 45 -19.38 -26.17 -5.89
N ASP C 46 -18.62 -27.14 -6.40
CA ASP C 46 -18.74 -27.55 -7.79
C ASP C 46 -18.51 -29.07 -7.85
N GLU C 47 -18.36 -29.58 -9.08
CA GLU C 47 -18.31 -31.03 -9.27
C GLU C 47 -17.16 -31.68 -8.51
N HIS C 48 -16.07 -30.93 -8.28
CA HIS C 48 -14.86 -31.50 -7.71
C HIS C 48 -14.60 -31.08 -6.28
N GLY C 49 -15.33 -30.09 -5.75
CA GLY C 49 -15.13 -29.65 -4.39
C GLY C 49 -15.57 -28.21 -4.18
N TYR C 50 -14.71 -27.42 -3.53
CA TYR C 50 -14.98 -26.01 -3.29
C TYR C 50 -13.95 -25.16 -4.01
N ILE C 51 -14.38 -23.99 -4.48
CA ILE C 51 -13.55 -23.13 -5.31
C ILE C 51 -13.94 -21.68 -5.08
N SER C 52 -12.95 -20.80 -5.10
CA SER C 52 -13.15 -19.36 -5.12
C SER C 52 -12.15 -18.76 -6.10
N ARG C 53 -12.57 -17.69 -6.79
CA ARG C 53 -11.80 -17.14 -7.89
C ARG C 53 -11.80 -15.62 -7.85
N CYS C 54 -10.73 -15.03 -8.37
N CYS C 54 -10.72 -15.04 -8.35
CA CYS C 54 -10.66 -13.58 -8.48
CA CYS C 54 -10.57 -13.59 -8.45
C CYS C 54 -9.65 -13.21 -9.56
C CYS C 54 -9.68 -13.25 -9.63
N PHE C 55 -9.92 -12.10 -10.25
CA PHE C 55 -9.06 -11.63 -11.32
C PHE C 55 -9.27 -10.15 -11.54
N THR C 56 -8.29 -9.51 -12.19
CA THR C 56 -8.39 -8.13 -12.63
C THR C 56 -7.65 -7.99 -13.95
N ARG C 57 -8.37 -7.59 -14.99
CA ARG C 57 -7.78 -7.38 -16.32
C ARG C 57 -7.96 -5.93 -16.75
N LYS C 58 -6.99 -5.41 -17.50
CA LYS C 58 -6.96 -4.02 -17.89
C LYS C 58 -6.82 -3.88 -19.40
N TYR C 59 -7.42 -2.82 -19.94
CA TYR C 59 -7.30 -2.44 -21.35
C TYR C 59 -7.03 -0.95 -21.43
N THR C 60 -6.12 -0.57 -22.32
CA THR C 60 -5.82 0.84 -22.56
C THR C 60 -6.70 1.37 -23.68
N LEU C 61 -7.47 2.42 -23.38
CA LEU C 61 -8.41 2.95 -24.36
C LEU C 61 -7.68 3.70 -25.47
N PRO C 62 -8.28 3.79 -26.66
CA PRO C 62 -7.73 4.68 -27.68
C PRO C 62 -7.78 6.11 -27.21
N PRO C 63 -6.84 6.94 -27.64
CA PRO C 63 -6.84 8.34 -27.21
C PRO C 63 -8.06 9.09 -27.74
N GLY C 64 -8.63 9.94 -26.90
CA GLY C 64 -9.79 10.73 -27.24
C GLY C 64 -11.11 10.16 -26.76
N VAL C 65 -11.17 8.85 -26.50
CA VAL C 65 -12.40 8.23 -26.05
C VAL C 65 -12.86 8.90 -24.75
N ASP C 66 -14.17 9.12 -24.63
CA ASP C 66 -14.75 9.72 -23.45
C ASP C 66 -14.96 8.62 -22.39
N PRO C 67 -14.21 8.62 -21.29
CA PRO C 67 -14.35 7.53 -20.31
C PRO C 67 -15.72 7.46 -19.66
N THR C 68 -16.50 8.52 -19.71
CA THR C 68 -17.86 8.49 -19.17
C THR C 68 -18.84 7.75 -20.07
N GLN C 69 -18.42 7.33 -21.26
CA GLN C 69 -19.29 6.66 -22.21
C GLN C 69 -18.97 5.18 -22.36
N VAL C 70 -18.15 4.62 -21.47
CA VAL C 70 -17.85 3.19 -21.50
C VAL C 70 -19.04 2.44 -20.92
N SER C 71 -19.48 1.40 -21.64
CA SER C 71 -20.58 0.57 -21.19
C SER C 71 -20.23 -0.89 -21.42
N SER C 72 -20.98 -1.78 -20.75
CA SER C 72 -20.73 -3.20 -20.88
C SER C 72 -22.04 -3.96 -20.74
N SER C 73 -22.03 -5.22 -21.19
CA SER C 73 -23.20 -6.08 -21.09
C SER C 73 -22.72 -7.53 -21.07
N LEU C 74 -23.42 -8.36 -20.29
CA LEU C 74 -23.08 -9.76 -20.10
C LEU C 74 -24.11 -10.62 -20.82
N SER C 75 -23.64 -11.53 -21.65
CA SER C 75 -24.52 -12.40 -22.43
C SER C 75 -24.88 -13.65 -21.62
N PRO C 76 -25.88 -14.40 -22.07
CA PRO C 76 -26.25 -15.61 -21.31
C PRO C 76 -25.13 -16.64 -21.25
N GLU C 77 -24.25 -16.69 -22.25
CA GLU C 77 -23.15 -17.65 -22.26
C GLU C 77 -21.98 -17.21 -21.39
N GLY C 78 -22.11 -16.12 -20.65
CA GLY C 78 -21.06 -15.68 -19.76
C GLY C 78 -19.98 -14.84 -20.41
N THR C 79 -20.29 -14.19 -21.53
CA THR C 79 -19.33 -13.33 -22.23
C THR C 79 -19.62 -11.88 -21.91
N LEU C 80 -18.59 -11.15 -21.49
CA LEU C 80 -18.70 -9.73 -21.18
C LEU C 80 -18.15 -8.91 -22.33
N THR C 81 -18.95 -7.96 -22.81
CA THR C 81 -18.56 -7.06 -23.88
C THR C 81 -18.47 -5.64 -23.32
N VAL C 82 -17.35 -4.97 -23.57
CA VAL C 82 -17.13 -3.59 -23.15
C VAL C 82 -16.89 -2.77 -24.41
N GLU C 83 -17.57 -1.62 -24.51
CA GLU C 83 -17.41 -0.79 -25.69
C GLU C 83 -17.60 0.68 -25.31
N ALA C 84 -17.21 1.55 -26.24
CA ALA C 84 -17.36 2.99 -26.08
C ALA C 84 -17.29 3.64 -27.45
N PRO C 85 -17.93 4.78 -27.66
CA PRO C 85 -17.88 5.42 -28.97
C PRO C 85 -16.59 6.19 -29.20
N MET C 86 -16.16 6.21 -30.46
CA MET C 86 -14.99 6.97 -30.84
C MET C 86 -15.37 8.43 -31.10
N PRO C 87 -14.47 9.39 -30.80
CA PRO C 87 -14.80 10.81 -30.98
C PRO C 87 -15.34 11.14 -32.38
N GLY D 1 -8.56 -25.08 -13.01
CA GLY D 1 -9.77 -25.23 -13.82
C GLY D 1 -10.36 -26.62 -13.71
N VAL D 2 -10.30 -27.37 -14.82
CA VAL D 2 -10.81 -28.73 -14.82
C VAL D 2 -9.91 -29.61 -13.96
N SER D 3 -10.54 -30.46 -13.15
CA SER D 3 -9.84 -31.37 -12.26
C SER D 3 -10.17 -32.80 -12.66
N GLU D 4 -9.13 -33.60 -12.90
CA GLU D 4 -9.28 -35.00 -13.26
C GLU D 4 -9.08 -35.88 -12.04
N ILE D 5 -9.86 -36.96 -11.96
CA ILE D 5 -9.80 -37.90 -10.86
C ILE D 5 -9.04 -39.13 -11.33
N ARG D 6 -8.02 -39.53 -10.57
CA ARG D 6 -7.18 -40.66 -10.91
C ARG D 6 -7.02 -41.59 -9.70
N HIS D 7 -8.06 -41.70 -8.90
CA HIS D 7 -8.00 -42.56 -7.72
C HIS D 7 -7.77 -44.01 -8.11
N THR D 8 -7.13 -44.75 -7.20
CA THR D 8 -7.01 -46.19 -7.30
C THR D 8 -7.27 -46.77 -5.92
N ALA D 9 -7.29 -48.11 -5.84
CA ALA D 9 -7.48 -48.77 -4.55
C ALA D 9 -6.34 -48.48 -3.58
N ASP D 10 -5.19 -48.01 -4.08
CA ASP D 10 -4.01 -47.82 -3.25
C ASP D 10 -3.58 -46.37 -3.10
N ARG D 11 -4.06 -45.45 -3.93
CA ARG D 11 -3.63 -44.07 -3.86
C ARG D 11 -4.77 -43.11 -4.19
N TRP D 12 -4.84 -42.04 -3.41
CA TRP D 12 -5.75 -40.93 -3.67
C TRP D 12 -5.01 -39.89 -4.52
N ARG D 13 -5.57 -39.53 -5.68
CA ARG D 13 -4.85 -38.71 -6.63
C ARG D 13 -5.82 -37.83 -7.42
N VAL D 14 -5.45 -36.56 -7.56
CA VAL D 14 -6.18 -35.62 -8.41
C VAL D 14 -5.16 -34.78 -9.18
N SER D 15 -5.57 -34.32 -10.36
CA SER D 15 -4.74 -33.46 -11.21
C SER D 15 -5.54 -32.22 -11.57
N LEU D 16 -4.90 -31.06 -11.44
CA LEU D 16 -5.56 -29.77 -11.62
C LEU D 16 -4.80 -28.93 -12.64
N ASP D 17 -5.54 -28.34 -13.58
CA ASP D 17 -4.95 -27.48 -14.59
C ASP D 17 -4.75 -26.08 -14.00
N VAL D 18 -3.49 -25.67 -13.88
CA VAL D 18 -3.14 -24.36 -13.32
C VAL D 18 -2.12 -23.69 -14.23
N ASN D 19 -2.37 -23.72 -15.54
CA ASN D 19 -1.34 -23.35 -16.51
C ASN D 19 -0.91 -21.89 -16.39
N HIS D 20 -1.69 -21.05 -15.72
CA HIS D 20 -1.32 -19.65 -15.58
C HIS D 20 -0.38 -19.37 -14.41
N PHE D 21 -0.08 -20.36 -13.58
CA PHE D 21 0.66 -20.14 -12.34
C PHE D 21 1.98 -20.92 -12.34
N ALA D 22 3.02 -20.27 -11.84
CA ALA D 22 4.34 -20.89 -11.74
C ALA D 22 4.46 -21.66 -10.44
N PRO D 23 5.49 -22.50 -10.31
CA PRO D 23 5.63 -23.29 -9.06
C PRO D 23 5.65 -22.45 -7.79
N ASP D 24 6.35 -21.31 -7.81
CA ASP D 24 6.43 -20.48 -6.61
C ASP D 24 5.14 -19.71 -6.33
N GLU D 25 4.13 -19.82 -7.19
CA GLU D 25 2.88 -19.11 -7.01
C GLU D 25 1.76 -20.03 -6.51
N LEU D 26 2.08 -21.28 -6.18
CA LEU D 26 1.10 -22.26 -5.73
C LEU D 26 1.48 -22.76 -4.33
N THR D 27 0.45 -23.06 -3.53
CA THR D 27 0.63 -23.62 -2.20
C THR D 27 -0.39 -24.73 -1.99
N VAL D 28 0.06 -25.83 -1.38
CA VAL D 28 -0.78 -26.99 -1.08
C VAL D 28 -0.61 -27.32 0.40
N LYS D 29 -1.66 -27.11 1.18
CA LYS D 29 -1.68 -27.48 2.59
C LYS D 29 -2.79 -28.50 2.83
N THR D 30 -2.61 -29.31 3.87
CA THR D 30 -3.60 -30.31 4.27
C THR D 30 -3.88 -30.15 5.75
N LYS D 31 -5.16 -30.00 6.10
CA LYS D 31 -5.55 -29.77 7.49
C LYS D 31 -6.96 -30.28 7.71
N ASP D 32 -7.13 -31.12 8.74
CA ASP D 32 -8.44 -31.63 9.14
C ASP D 32 -9.15 -32.33 7.98
N GLY D 33 -8.40 -33.17 7.28
CA GLY D 33 -8.97 -33.97 6.20
C GLY D 33 -9.33 -33.20 4.95
N VAL D 34 -8.87 -31.97 4.80
CA VAL D 34 -9.15 -31.15 3.62
C VAL D 34 -7.82 -30.71 3.03
N VAL D 35 -7.67 -30.92 1.72
CA VAL D 35 -6.54 -30.39 0.97
C VAL D 35 -6.93 -29.01 0.43
N GLU D 36 -6.07 -28.01 0.66
CA GLU D 36 -6.33 -26.65 0.22
C GLU D 36 -5.22 -26.23 -0.75
N ILE D 37 -5.62 -25.81 -1.94
CA ILE D 37 -4.70 -25.38 -2.99
C ILE D 37 -4.99 -23.91 -3.28
N THR D 38 -3.97 -23.06 -3.14
CA THR D 38 -4.11 -21.64 -3.40
C THR D 38 -3.10 -21.21 -4.47
N GLY D 39 -3.55 -20.32 -5.35
CA GLY D 39 -2.66 -19.74 -6.34
C GLY D 39 -2.89 -18.25 -6.44
N LYS D 40 -1.81 -17.53 -6.76
CA LYS D 40 -1.88 -16.08 -6.91
C LYS D 40 -0.67 -15.61 -7.68
N HIS D 41 -0.89 -14.94 -8.81
CA HIS D 41 0.20 -14.32 -9.56
C HIS D 41 -0.11 -12.85 -9.78
N GLU D 42 0.94 -12.03 -9.75
CA GLU D 42 0.78 -10.59 -9.88
C GLU D 42 0.48 -10.21 -11.33
N GLU D 43 0.24 -8.92 -11.53
CA GLU D 43 -0.13 -8.41 -12.84
C GLU D 43 0.99 -8.65 -13.85
N ARG D 44 0.64 -9.25 -14.99
N ARG D 44 0.63 -9.24 -14.99
CA ARG D 44 1.61 -9.41 -16.07
CA ARG D 44 1.59 -9.50 -16.06
C ARG D 44 0.86 -9.58 -17.38
C ARG D 44 0.84 -9.56 -17.39
N GLN D 45 1.58 -9.34 -18.48
CA GLN D 45 0.98 -9.35 -19.81
C GLN D 45 0.80 -10.77 -20.33
N ASP D 46 -0.40 -11.08 -20.78
CA ASP D 46 -0.66 -12.29 -21.56
C ASP D 46 -0.99 -11.88 -23.00
N GLU D 47 -1.64 -12.78 -23.73
N GLU D 47 -1.66 -12.77 -23.72
CA GLU D 47 -1.92 -12.51 -25.14
CA GLU D 47 -1.96 -12.54 -25.13
C GLU D 47 -2.97 -11.42 -25.35
C GLU D 47 -2.94 -11.40 -25.34
N HIS D 48 -3.70 -11.02 -24.31
CA HIS D 48 -4.73 -9.99 -24.44
C HIS D 48 -4.41 -8.70 -23.69
N GLY D 49 -3.48 -8.73 -22.75
CA GLY D 49 -3.14 -7.55 -21.97
C GLY D 49 -2.73 -7.94 -20.56
N TYR D 50 -2.77 -6.96 -19.66
CA TYR D 50 -2.37 -7.16 -18.27
C TYR D 50 -3.49 -7.82 -17.48
N ILE D 51 -3.12 -8.75 -16.60
CA ILE D 51 -4.11 -9.44 -15.78
C ILE D 51 -3.42 -10.02 -14.54
N SER D 52 -4.18 -10.10 -13.46
CA SER D 52 -3.79 -10.82 -12.24
C SER D 52 -4.86 -11.85 -11.92
N ARG D 53 -4.48 -12.86 -11.15
CA ARG D 53 -5.39 -13.98 -10.87
C ARG D 53 -5.15 -14.52 -9.47
N CYS D 54 -6.22 -15.02 -8.86
N CYS D 54 -6.23 -15.00 -8.85
CA CYS D 54 -6.14 -15.68 -7.56
CA CYS D 54 -6.16 -15.66 -7.56
C CYS D 54 -7.26 -16.70 -7.45
C CYS D 54 -7.25 -16.74 -7.50
N PHE D 55 -6.97 -17.81 -6.76
CA PHE D 55 -7.96 -18.87 -6.58
C PHE D 55 -7.62 -19.70 -5.36
N THR D 56 -8.65 -20.36 -4.83
CA THR D 56 -8.50 -21.33 -3.74
C THR D 56 -9.45 -22.48 -3.99
N ARG D 57 -8.92 -23.69 -4.14
CA ARG D 57 -9.71 -24.89 -4.34
C ARG D 57 -9.46 -25.87 -3.22
N LYS D 58 -10.52 -26.52 -2.73
CA LYS D 58 -10.43 -27.47 -1.64
C LYS D 58 -11.00 -28.83 -2.07
N TYR D 59 -10.30 -29.89 -1.68
CA TYR D 59 -10.75 -31.27 -1.87
C TYR D 59 -10.95 -31.92 -0.52
N THR D 60 -11.96 -32.78 -0.43
CA THR D 60 -12.20 -33.56 0.78
C THR D 60 -11.52 -34.92 0.65
N LEU D 61 -10.71 -35.28 1.65
CA LEU D 61 -10.02 -36.56 1.66
C LEU D 61 -10.87 -37.62 2.37
N PRO D 62 -10.71 -38.89 2.00
CA PRO D 62 -11.34 -39.96 2.78
C PRO D 62 -10.74 -40.03 4.18
N PRO D 63 -11.45 -40.60 5.14
CA PRO D 63 -10.98 -40.54 6.53
C PRO D 63 -9.75 -41.40 6.75
N GLY D 64 -8.80 -40.86 7.52
CA GLY D 64 -7.69 -41.64 8.01
C GLY D 64 -6.42 -41.60 7.17
N VAL D 65 -6.25 -40.60 6.31
CA VAL D 65 -5.07 -40.50 5.46
C VAL D 65 -4.07 -39.57 6.14
N ASP D 66 -2.82 -39.98 6.17
CA ASP D 66 -1.77 -39.19 6.82
C ASP D 66 -1.55 -37.90 6.06
N PRO D 67 -1.80 -36.72 6.66
CA PRO D 67 -1.53 -35.47 5.94
C PRO D 67 -0.06 -35.25 5.63
N THR D 68 0.85 -35.90 6.37
CA THR D 68 2.27 -35.75 6.12
C THR D 68 2.73 -36.50 4.88
N GLN D 69 1.90 -37.37 4.31
CA GLN D 69 2.26 -38.15 3.14
C GLN D 69 1.62 -37.61 1.86
N VAL D 70 1.14 -36.37 1.87
CA VAL D 70 0.62 -35.74 0.67
C VAL D 70 1.78 -35.12 -0.10
N SER D 71 1.86 -35.44 -1.39
CA SER D 71 2.89 -34.90 -2.28
C SER D 71 2.23 -34.16 -3.43
N SER D 72 2.83 -33.04 -3.82
CA SER D 72 2.31 -32.22 -4.90
C SER D 72 3.46 -31.80 -5.81
N SER D 73 3.23 -31.86 -7.12
CA SER D 73 4.26 -31.51 -8.08
C SER D 73 3.62 -30.94 -9.34
N LEU D 74 4.22 -29.87 -9.87
CA LEU D 74 3.74 -29.21 -11.06
C LEU D 74 4.56 -29.67 -12.26
N SER D 75 3.86 -30.00 -13.35
CA SER D 75 4.52 -30.40 -14.59
C SER D 75 4.88 -29.17 -15.42
N PRO D 76 5.81 -29.30 -16.37
CA PRO D 76 6.14 -28.15 -17.22
C PRO D 76 4.99 -27.69 -18.09
N GLU D 77 3.99 -28.55 -18.34
CA GLU D 77 2.80 -28.14 -19.09
C GLU D 77 1.81 -27.39 -18.22
N GLY D 78 1.96 -27.42 -16.90
CA GLY D 78 1.08 -26.69 -16.00
C GLY D 78 0.05 -27.53 -15.29
N THR D 79 0.29 -28.83 -15.12
CA THR D 79 -0.65 -29.72 -14.43
C THR D 79 -0.15 -29.99 -13.02
N LEU D 80 -0.94 -29.61 -12.03
CA LEU D 80 -0.63 -29.88 -10.63
C LEU D 80 -1.25 -31.21 -10.23
N THR D 81 -0.41 -32.16 -9.82
CA THR D 81 -0.86 -33.47 -9.36
C THR D 81 -0.64 -33.57 -7.86
N VAL D 82 -1.71 -33.87 -7.12
CA VAL D 82 -1.66 -34.06 -5.68
C VAL D 82 -1.98 -35.51 -5.39
N GLU D 83 -1.18 -36.15 -4.52
CA GLU D 83 -1.23 -37.59 -4.33
C GLU D 83 -1.06 -37.94 -2.86
N ALA D 84 -1.61 -39.10 -2.48
CA ALA D 84 -1.43 -39.62 -1.13
C ALA D 84 -1.89 -41.08 -1.06
N PRO D 85 -1.30 -41.89 -0.18
CA PRO D 85 -1.71 -43.29 -0.07
C PRO D 85 -3.02 -43.44 0.69
N MET D 86 -3.75 -44.51 0.36
CA MET D 86 -5.00 -44.79 1.05
C MET D 86 -4.72 -45.51 2.37
N PRO D 87 -5.62 -45.37 3.36
CA PRO D 87 -5.43 -46.05 4.65
C PRO D 87 -5.86 -47.51 4.61
N GLY E 1 25.56 -49.13 -39.89
CA GLY E 1 24.92 -48.64 -38.68
C GLY E 1 24.87 -47.13 -38.63
N VAL E 2 23.90 -46.60 -37.90
CA VAL E 2 23.73 -45.17 -37.72
C VAL E 2 23.63 -44.87 -36.23
N SER E 3 23.91 -43.62 -35.87
CA SER E 3 23.83 -43.20 -34.48
C SER E 3 22.37 -43.24 -33.99
N GLU E 4 22.22 -43.19 -32.67
CA GLU E 4 20.93 -43.39 -32.03
C GLU E 4 20.66 -42.27 -31.03
N ILE E 5 19.43 -41.75 -31.06
CA ILE E 5 18.97 -40.77 -30.09
C ILE E 5 18.05 -41.48 -29.11
N ARG E 6 18.18 -41.15 -27.82
CA ARG E 6 17.38 -41.77 -26.77
C ARG E 6 16.80 -40.71 -25.85
N HIS E 7 15.59 -40.99 -25.36
CA HIS E 7 14.94 -40.13 -24.39
C HIS E 7 15.55 -40.32 -23.00
N THR E 8 15.39 -39.28 -22.17
CA THR E 8 15.91 -39.30 -20.80
C THR E 8 14.79 -38.95 -19.84
N ALA E 9 14.85 -39.52 -18.64
CA ALA E 9 13.76 -39.42 -17.69
C ALA E 9 13.65 -38.00 -17.13
N ASP E 10 12.41 -37.61 -16.84
CA ASP E 10 12.15 -36.33 -16.18
C ASP E 10 12.87 -36.28 -14.83
N ARG E 11 12.90 -35.09 -14.24
CA ARG E 11 13.54 -34.87 -12.95
C ARG E 11 12.61 -34.09 -12.03
N TRP E 12 12.46 -34.58 -10.80
CA TRP E 12 11.77 -33.87 -9.74
C TRP E 12 12.76 -32.94 -9.05
N ARG E 13 12.31 -31.73 -8.69
CA ARG E 13 13.21 -30.70 -8.18
C ARG E 13 12.52 -29.85 -7.15
N VAL E 14 13.28 -29.43 -6.14
CA VAL E 14 12.88 -28.38 -5.20
C VAL E 14 14.08 -27.47 -4.96
N SER E 15 13.79 -26.21 -4.63
CA SER E 15 14.81 -25.22 -4.34
C SER E 15 14.52 -24.56 -3.00
N LEU E 16 15.58 -24.19 -2.29
CA LEU E 16 15.44 -23.68 -0.93
C LEU E 16 16.55 -22.68 -0.65
N ASP E 17 16.18 -21.57 -0.01
CA ASP E 17 17.13 -20.52 0.36
C ASP E 17 17.66 -20.80 1.76
N VAL E 18 18.98 -20.96 1.87
CA VAL E 18 19.61 -21.30 3.14
C VAL E 18 20.90 -20.49 3.30
N ASN E 19 20.86 -19.23 2.85
CA ASN E 19 22.08 -18.42 2.81
C ASN E 19 22.70 -18.20 4.19
N HIS E 20 21.95 -18.44 5.26
CA HIS E 20 22.49 -18.27 6.61
C HIS E 20 23.44 -19.40 7.02
N PHE E 21 23.46 -20.51 6.29
CA PHE E 21 24.21 -21.69 6.69
C PHE E 21 25.36 -21.96 5.72
N ALA E 22 26.45 -22.49 6.26
CA ALA E 22 27.60 -22.87 5.46
C ALA E 22 27.38 -24.26 4.87
N PRO E 23 28.16 -24.63 3.85
CA PRO E 23 27.97 -25.95 3.22
C PRO E 23 27.97 -27.11 4.21
N ASP E 24 28.99 -27.20 5.06
CA ASP E 24 29.09 -28.31 6.00
C ASP E 24 28.05 -28.26 7.11
N GLU E 25 27.28 -27.17 7.22
CA GLU E 25 26.23 -27.06 8.22
C GLU E 25 24.88 -27.55 7.69
N LEU E 26 24.85 -28.12 6.48
CA LEU E 26 23.62 -28.63 5.87
C LEU E 26 23.78 -30.11 5.56
N THR E 27 22.69 -30.86 5.72
CA THR E 27 22.67 -32.28 5.40
C THR E 27 21.37 -32.61 4.68
N VAL E 28 21.44 -33.63 3.82
CA VAL E 28 20.29 -34.06 3.03
C VAL E 28 20.25 -35.58 3.04
N LYS E 29 19.18 -36.14 3.60
CA LYS E 29 19.02 -37.59 3.73
C LYS E 29 17.61 -37.98 3.35
N THR E 30 17.45 -39.24 2.94
CA THR E 30 16.16 -39.81 2.61
C THR E 30 15.84 -40.96 3.55
N LYS E 31 14.57 -41.07 3.94
CA LYS E 31 14.12 -42.14 4.83
C LYS E 31 12.63 -42.30 4.68
N ASP E 32 12.18 -43.51 4.33
CA ASP E 32 10.76 -43.82 4.23
C ASP E 32 10.09 -42.97 3.15
N GLY E 33 10.80 -42.73 2.05
CA GLY E 33 10.24 -41.98 0.95
C GLY E 33 10.13 -40.49 1.18
N VAL E 34 10.84 -39.94 2.16
CA VAL E 34 10.81 -38.52 2.47
C VAL E 34 12.24 -37.99 2.46
N VAL E 35 12.41 -36.76 1.97
CA VAL E 35 13.71 -36.09 1.95
C VAL E 35 13.76 -35.14 3.14
N GLU E 36 14.82 -35.24 3.93
CA GLU E 36 15.02 -34.39 5.10
C GLU E 36 16.20 -33.45 4.84
N ILE E 37 15.94 -32.15 4.91
CA ILE E 37 16.97 -31.12 4.77
C ILE E 37 17.12 -30.44 6.13
N THR E 38 18.30 -30.60 6.74
CA THR E 38 18.59 -30.06 8.06
C THR E 38 19.71 -29.04 7.97
N GLY E 39 19.51 -27.89 8.60
CA GLY E 39 20.55 -26.90 8.76
C GLY E 39 20.75 -26.58 10.22
N LYS E 40 21.99 -26.27 10.58
CA LYS E 40 22.33 -25.94 11.97
C LYS E 40 23.71 -25.31 12.07
N HIS E 41 23.78 -24.13 12.68
CA HIS E 41 25.06 -23.46 12.90
C HIS E 41 25.15 -22.99 14.34
N GLU E 42 26.32 -23.19 14.93
CA GLU E 42 26.55 -22.83 16.32
C GLU E 42 26.55 -21.31 16.49
N GLU E 43 26.48 -20.88 17.75
CA GLU E 43 26.44 -19.46 18.07
C GLU E 43 27.59 -18.73 17.39
N ARG E 44 27.28 -17.56 16.81
CA ARG E 44 28.27 -16.73 16.19
C ARG E 44 27.79 -15.29 16.22
N GLN E 45 28.74 -14.37 16.18
CA GLN E 45 28.44 -12.94 16.29
C GLN E 45 28.04 -12.38 14.93
N ASP E 46 27.08 -11.47 14.94
CA ASP E 46 26.71 -10.72 13.74
C ASP E 46 26.61 -9.25 14.13
N GLU E 47 25.97 -8.46 13.27
CA GLU E 47 25.94 -7.01 13.45
C GLU E 47 25.13 -6.58 14.66
N HIS E 48 24.29 -7.45 15.21
CA HIS E 48 23.43 -7.12 16.35
C HIS E 48 23.89 -7.75 17.65
N GLY E 49 24.29 -9.03 17.63
CA GLY E 49 24.73 -9.71 18.82
C GLY E 49 25.27 -11.09 18.50
N TYR E 50 24.67 -12.12 19.08
CA TYR E 50 25.04 -13.50 18.82
C TYR E 50 23.79 -14.29 18.44
N ILE E 51 23.95 -15.26 17.54
CA ILE E 51 22.80 -15.97 16.97
C ILE E 51 23.21 -17.40 16.65
N SER E 52 22.33 -18.34 17.01
CA SER E 52 22.42 -19.72 16.56
C SER E 52 21.06 -20.12 15.98
N ARG E 53 21.09 -20.97 14.95
CA ARG E 53 19.87 -21.32 14.22
C ARG E 53 19.85 -22.81 13.91
N CYS E 54 18.64 -23.36 13.81
N CYS E 54 18.64 -23.35 13.82
CA CYS E 54 18.47 -24.74 13.38
CA CYS E 54 18.42 -24.74 13.42
C CYS E 54 17.10 -24.89 12.73
C CYS E 54 17.10 -24.84 12.68
N PHE E 55 17.02 -25.84 11.79
CA PHE E 55 15.77 -26.10 11.08
C PHE E 55 15.83 -27.47 10.42
N THR E 56 14.66 -28.09 10.26
CA THR E 56 14.52 -29.34 9.51
C THR E 56 13.27 -29.23 8.65
N ARG E 57 13.44 -29.31 7.33
CA ARG E 57 12.34 -29.26 6.38
C ARG E 57 12.23 -30.59 5.66
N LYS E 58 11.00 -30.98 5.34
CA LYS E 58 10.72 -32.28 4.74
C LYS E 58 9.96 -32.13 3.43
N TYR E 59 10.10 -33.14 2.58
CA TYR E 59 9.42 -33.20 1.30
C TYR E 59 9.08 -34.65 1.01
N THR E 60 7.83 -34.90 0.61
CA THR E 60 7.40 -36.25 0.23
C THR E 60 7.71 -36.46 -1.25
N LEU E 61 8.52 -37.47 -1.55
CA LEU E 61 8.93 -37.72 -2.92
C LEU E 61 7.77 -38.31 -3.73
N PRO E 62 7.76 -38.10 -5.05
CA PRO E 62 6.74 -38.72 -5.87
C PRO E 62 6.87 -40.23 -5.82
N PRO E 63 5.76 -40.96 -6.02
CA PRO E 63 5.85 -42.42 -5.94
C PRO E 63 6.79 -43.01 -6.98
N GLY E 64 7.59 -43.98 -6.55
CA GLY E 64 8.41 -44.75 -7.45
C GLY E 64 9.81 -44.23 -7.71
N VAL E 65 10.19 -43.09 -7.14
CA VAL E 65 11.52 -42.55 -7.35
C VAL E 65 12.52 -43.37 -6.53
N ASP E 66 13.69 -43.60 -7.09
CA ASP E 66 14.74 -44.33 -6.39
C ASP E 66 15.40 -43.41 -5.37
N PRO E 67 15.26 -43.68 -4.07
CA PRO E 67 15.81 -42.74 -3.08
C PRO E 67 17.33 -42.64 -3.12
N THR E 68 18.02 -43.65 -3.63
CA THR E 68 19.47 -43.59 -3.74
C THR E 68 19.94 -42.62 -4.80
N GLN E 69 19.04 -42.08 -5.64
CA GLN E 69 19.39 -41.20 -6.73
C GLN E 69 19.09 -39.74 -6.42
N VAL E 70 18.95 -39.38 -5.15
CA VAL E 70 18.72 -38.00 -4.76
C VAL E 70 20.06 -37.28 -4.70
N SER E 71 20.11 -36.07 -5.27
CA SER E 71 21.33 -35.27 -5.29
C SER E 71 20.99 -33.82 -4.96
N SER E 72 21.98 -33.11 -4.43
CA SER E 72 21.81 -31.72 -4.03
C SER E 72 23.01 -30.91 -4.48
N SER E 73 22.80 -29.61 -4.62
CA SER E 73 23.86 -28.67 -4.98
C SER E 73 23.50 -27.30 -4.43
N LEU E 74 24.52 -26.58 -3.97
CA LEU E 74 24.36 -25.30 -3.28
C LEU E 74 25.06 -24.22 -4.08
N SER E 75 24.30 -23.25 -4.59
CA SER E 75 24.88 -22.17 -5.36
C SER E 75 25.65 -21.23 -4.46
N PRO E 76 26.51 -20.38 -5.03
CA PRO E 76 27.22 -19.39 -4.20
C PRO E 76 26.30 -18.39 -3.54
N GLU E 77 25.14 -18.09 -4.15
CA GLU E 77 24.23 -17.13 -3.56
C GLU E 77 23.58 -17.66 -2.29
N GLY E 78 23.47 -18.98 -2.16
CA GLY E 78 22.96 -19.60 -0.94
C GLY E 78 21.68 -20.38 -1.11
N THR E 79 21.40 -20.82 -2.33
CA THR E 79 20.20 -21.60 -2.64
C THR E 79 20.58 -23.06 -2.81
N LEU E 80 19.88 -23.94 -2.08
CA LEU E 80 20.07 -25.37 -2.19
C LEU E 80 19.03 -25.96 -3.13
N THR E 81 19.48 -26.74 -4.11
CA THR E 81 18.60 -27.40 -5.06
C THR E 81 18.73 -28.91 -4.87
N VAL E 82 17.60 -29.58 -4.69
CA VAL E 82 17.54 -31.03 -4.55
C VAL E 82 16.72 -31.57 -5.72
N GLU E 83 17.25 -32.59 -6.40
CA GLU E 83 16.52 -33.19 -7.51
C GLU E 83 16.77 -34.69 -7.55
N ALA E 84 15.96 -35.38 -8.34
CA ALA E 84 16.02 -36.83 -8.46
C ALA E 84 15.33 -37.24 -9.75
N PRO E 85 15.77 -38.31 -10.41
CA PRO E 85 15.11 -38.72 -11.65
C PRO E 85 13.77 -39.42 -11.39
N MET E 86 12.80 -39.12 -12.23
CA MET E 86 11.50 -39.75 -12.15
C MET E 86 11.55 -41.16 -12.75
N PRO E 87 10.59 -42.03 -12.37
CA PRO E 87 10.53 -43.38 -12.95
C PRO E 87 10.53 -43.38 -14.47
N GLY F 1 13.72 -12.96 11.65
CA GLY F 1 13.90 -12.06 10.52
C GLY F 1 14.75 -10.84 10.87
N VAL F 2 14.34 -9.69 10.37
CA VAL F 2 15.10 -8.46 10.59
C VAL F 2 15.02 -8.07 12.07
N SER F 3 16.09 -7.43 12.54
CA SER F 3 16.18 -6.98 13.93
C SER F 3 16.55 -5.50 13.94
N GLU F 4 15.72 -4.69 14.59
CA GLU F 4 15.90 -3.25 14.64
C GLU F 4 16.17 -2.82 16.08
N ILE F 5 17.27 -2.10 16.29
CA ILE F 5 17.68 -1.66 17.62
C ILE F 5 17.67 -0.13 17.64
N ARG F 6 17.19 0.44 18.74
CA ARG F 6 17.24 1.88 18.95
C ARG F 6 17.53 2.15 20.41
N HIS F 7 18.67 2.79 20.68
CA HIS F 7 19.12 3.11 22.02
C HIS F 7 19.09 4.64 22.19
N THR F 8 18.18 5.13 23.01
CA THR F 8 18.06 6.54 23.30
C THR F 8 18.50 6.80 24.75
N ALA F 9 18.46 8.08 25.15
CA ALA F 9 18.87 8.44 26.49
C ALA F 9 17.94 7.87 27.55
N ASP F 10 16.69 7.58 27.21
CA ASP F 10 15.68 7.18 28.18
C ASP F 10 15.27 5.72 28.07
N ARG F 11 15.64 5.02 27.00
CA ARG F 11 15.08 3.69 26.78
C ARG F 11 15.97 2.89 25.85
N TRP F 12 16.01 1.58 26.10
CA TRP F 12 16.65 0.61 25.23
C TRP F 12 15.58 -0.31 24.68
N ARG F 13 15.62 -0.56 23.37
CA ARG F 13 14.53 -1.28 22.72
C ARG F 13 15.05 -2.02 21.49
N VAL F 14 14.59 -3.25 21.32
CA VAL F 14 14.89 -4.07 20.15
C VAL F 14 13.60 -4.71 19.67
N SER F 15 13.41 -4.73 18.36
CA SER F 15 12.24 -5.37 17.73
C SER F 15 12.73 -6.45 16.79
N LEU F 16 12.11 -7.62 16.87
CA LEU F 16 12.58 -8.81 16.17
C LEU F 16 11.42 -9.47 15.43
N ASP F 17 11.62 -9.78 14.15
CA ASP F 17 10.60 -10.44 13.34
C ASP F 17 10.68 -11.94 13.57
N VAL F 18 9.68 -12.49 14.27
CA VAL F 18 9.61 -13.92 14.53
C VAL F 18 8.23 -14.42 14.12
N ASN F 19 7.86 -14.16 12.86
CA ASN F 19 6.52 -14.43 12.36
C ASN F 19 6.30 -15.91 12.01
N HIS F 20 7.08 -16.82 12.57
CA HIS F 20 6.78 -18.25 12.48
C HIS F 20 6.52 -18.88 13.84
N PHE F 21 6.66 -18.11 14.91
CA PHE F 21 6.60 -18.62 16.27
C PHE F 21 5.38 -18.07 17.00
N ALA F 22 4.77 -18.90 17.84
CA ALA F 22 3.63 -18.50 18.64
C ALA F 22 4.10 -17.92 19.96
N PRO F 23 3.19 -17.27 20.71
CA PRO F 23 3.61 -16.67 21.99
C PRO F 23 4.17 -17.68 22.97
N ASP F 24 3.58 -18.86 23.07
CA ASP F 24 4.06 -19.88 24.01
C ASP F 24 5.30 -20.61 23.51
N GLU F 25 5.81 -20.25 22.34
CA GLU F 25 7.03 -20.85 21.79
C GLU F 25 8.24 -19.92 21.89
N LEU F 26 8.07 -18.74 22.51
CA LEU F 26 9.15 -17.77 22.66
C LEU F 26 9.44 -17.57 24.15
N THR F 27 10.71 -17.31 24.47
CA THR F 27 11.15 -17.08 25.84
C THR F 27 12.17 -15.97 25.88
N VAL F 28 12.05 -15.07 26.86
CA VAL F 28 12.95 -13.95 27.04
C VAL F 28 13.43 -13.96 28.48
N LYS F 29 14.74 -14.13 28.68
CA LYS F 29 15.35 -14.12 29.99
C LYS F 29 16.57 -13.22 29.99
N THR F 30 16.78 -12.51 31.11
CA THR F 30 17.90 -11.60 31.26
C THR F 30 18.79 -12.07 32.40
N LYS F 31 20.09 -12.04 32.19
CA LYS F 31 21.04 -12.40 33.23
C LYS F 31 22.43 -11.91 32.83
N ASP F 32 23.16 -11.37 33.80
CA ASP F 32 24.53 -10.88 33.59
C ASP F 32 24.56 -9.81 32.51
N GLY F 33 23.52 -8.98 32.47
CA GLY F 33 23.47 -7.88 31.52
C GLY F 33 23.27 -8.30 30.09
N VAL F 34 22.77 -9.50 29.84
CA VAL F 34 22.51 -10.00 28.49
C VAL F 34 21.07 -10.48 28.42
N VAL F 35 20.37 -10.08 27.37
CA VAL F 35 19.02 -10.58 27.09
C VAL F 35 19.15 -11.78 26.16
N GLU F 36 18.52 -12.90 26.54
CA GLU F 36 18.55 -14.13 25.77
C GLU F 36 17.14 -14.43 25.29
N ILE F 37 16.98 -14.56 23.97
CA ILE F 37 15.70 -14.85 23.34
C ILE F 37 15.80 -16.19 22.64
N THR F 38 14.90 -17.10 22.96
CA THR F 38 14.89 -18.44 22.39
C THR F 38 13.51 -18.76 21.82
N GLY F 39 13.50 -19.33 20.62
CA GLY F 39 12.28 -19.80 20.01
C GLY F 39 12.43 -21.22 19.50
N LYS F 40 11.33 -21.96 19.56
CA LYS F 40 11.30 -23.33 19.06
C LYS F 40 9.86 -23.73 18.77
N HIS F 41 9.62 -24.29 17.59
CA HIS F 41 8.30 -24.82 17.26
C HIS F 41 8.46 -26.14 16.53
N GLU F 42 7.50 -27.04 16.77
CA GLU F 42 7.53 -28.37 16.20
C GLU F 42 7.20 -28.32 14.70
N GLU F 43 7.17 -29.50 14.08
CA GLU F 43 6.90 -29.60 12.65
C GLU F 43 5.55 -28.97 12.33
N ARG F 44 5.54 -28.16 11.28
CA ARG F 44 4.39 -27.31 10.97
C ARG F 44 4.48 -26.85 9.53
N GLN F 45 3.34 -26.88 8.84
CA GLN F 45 3.31 -26.54 7.42
C GLN F 45 3.35 -25.03 7.22
N ASP F 46 4.23 -24.59 6.33
CA ASP F 46 4.18 -23.21 5.83
C ASP F 46 3.94 -23.24 4.33
N GLU F 47 4.24 -22.15 3.63
CA GLU F 47 3.88 -22.06 2.22
C GLU F 47 4.67 -23.03 1.35
N HIS F 48 5.65 -23.76 1.90
CA HIS F 48 6.43 -24.72 1.14
C HIS F 48 6.31 -26.15 1.63
N GLY F 49 5.81 -26.38 2.84
CA GLY F 49 5.65 -27.71 3.37
C GLY F 49 6.00 -27.75 4.85
N TYR F 50 6.20 -28.95 5.36
CA TYR F 50 6.48 -29.15 6.78
C TYR F 50 7.90 -28.70 7.13
N ILE F 51 8.04 -28.03 8.28
CA ILE F 51 9.33 -27.54 8.73
C ILE F 51 9.24 -27.24 10.22
N SER F 52 10.35 -27.45 10.91
CA SER F 52 10.52 -27.04 12.30
C SER F 52 11.73 -26.11 12.40
N ARG F 53 11.72 -25.25 13.42
CA ARG F 53 12.75 -24.22 13.55
C ARG F 53 13.16 -24.03 15.01
N CYS F 54 14.39 -23.57 15.21
N CYS F 54 14.40 -23.59 15.22
CA CYS F 54 14.86 -23.18 16.54
CA CYS F 54 14.91 -23.23 16.52
C CYS F 54 15.92 -22.12 16.39
C CYS F 54 15.88 -22.07 16.35
N PHE F 55 16.02 -21.25 17.39
CA PHE F 55 17.01 -20.18 17.39
C PHE F 55 17.25 -19.68 18.81
N THR F 56 18.43 -19.10 19.01
CA THR F 56 18.78 -18.39 20.23
C THR F 56 19.50 -17.10 19.85
N ARG F 57 19.00 -15.99 20.37
CA ARG F 57 19.56 -14.67 20.11
C ARG F 57 19.93 -14.01 21.43
N LYS F 58 21.07 -13.31 21.45
CA LYS F 58 21.56 -12.65 22.64
C LYS F 58 21.92 -11.20 22.33
N TYR F 59 21.51 -10.29 23.22
CA TYR F 59 21.86 -8.88 23.13
C TYR F 59 22.48 -8.45 24.45
N THR F 60 23.59 -7.71 24.39
CA THR F 60 24.22 -7.15 25.58
C THR F 60 23.57 -5.82 25.93
N LEU F 61 23.14 -5.68 27.17
CA LEU F 61 22.47 -4.48 27.63
C LEU F 61 23.48 -3.39 27.97
N PRO F 62 23.05 -2.14 28.02
CA PRO F 62 23.93 -1.06 28.52
C PRO F 62 24.04 -1.13 30.04
N PRO F 63 25.06 -0.51 30.62
CA PRO F 63 25.27 -0.62 32.06
C PRO F 63 24.10 -0.04 32.85
N GLY F 64 23.74 -0.73 33.94
CA GLY F 64 22.80 -0.21 34.90
C GLY F 64 21.34 -0.58 34.66
N VAL F 65 21.02 -1.27 33.57
CA VAL F 65 19.64 -1.64 33.30
C VAL F 65 19.17 -2.64 34.34
N ASP F 66 17.99 -2.40 34.91
CA ASP F 66 17.42 -3.30 35.88
C ASP F 66 16.74 -4.47 35.15
N PRO F 67 17.19 -5.71 35.34
CA PRO F 67 16.55 -6.83 34.62
C PRO F 67 15.08 -7.03 34.97
N THR F 68 14.65 -6.59 36.15
CA THR F 68 13.24 -6.72 36.53
C THR F 68 12.35 -5.77 35.76
N GLN F 69 12.90 -4.83 35.00
CA GLN F 69 12.12 -3.87 34.24
C GLN F 69 12.11 -4.16 32.75
N VAL F 70 12.55 -5.34 32.34
CA VAL F 70 12.54 -5.72 30.93
C VAL F 70 11.16 -6.27 30.58
N SER F 71 10.54 -5.71 29.55
CA SER F 71 9.22 -6.12 29.10
C SER F 71 9.33 -6.69 27.70
N SER F 72 8.54 -7.73 27.43
CA SER F 72 8.53 -8.38 26.13
C SER F 72 7.10 -8.75 25.76
N SER F 73 6.72 -8.48 24.51
CA SER F 73 5.38 -8.74 24.03
C SER F 73 5.40 -9.00 22.53
N LEU F 74 4.52 -9.90 22.09
CA LEU F 74 4.43 -10.30 20.69
C LEU F 74 3.15 -9.73 20.09
N SER F 75 3.28 -9.10 18.93
CA SER F 75 2.16 -8.49 18.23
C SER F 75 1.44 -9.50 17.37
N PRO F 76 0.22 -9.20 16.92
CA PRO F 76 -0.48 -10.14 16.02
C PRO F 76 0.27 -10.39 14.74
N GLU F 77 1.06 -9.43 14.28
CA GLU F 77 1.84 -9.58 13.05
C GLU F 77 3.13 -10.34 13.25
N GLY F 78 3.45 -10.76 14.48
CA GLY F 78 4.61 -11.58 14.73
C GLY F 78 5.88 -10.85 15.08
N THR F 79 5.79 -9.59 15.51
CA THR F 79 6.96 -8.81 15.89
C THR F 79 7.10 -8.84 17.42
N LEU F 80 8.28 -9.24 17.88
CA LEU F 80 8.58 -9.31 19.31
C LEU F 80 9.35 -8.04 19.69
N THR F 81 8.81 -7.28 20.65
CA THR F 81 9.44 -6.07 21.13
C THR F 81 9.91 -6.30 22.57
N VAL F 82 11.20 -6.13 22.80
CA VAL F 82 11.79 -6.19 24.14
C VAL F 82 12.43 -4.85 24.42
N GLU F 83 12.10 -4.26 25.57
CA GLU F 83 12.59 -2.94 25.91
C GLU F 83 12.77 -2.82 27.41
N ALA F 84 13.60 -1.85 27.80
CA ALA F 84 13.91 -1.60 29.20
C ALA F 84 14.22 -0.13 29.37
N PRO F 85 13.83 0.47 30.49
CA PRO F 85 14.19 1.88 30.73
C PRO F 85 15.65 2.02 31.13
N MET F 86 16.21 3.18 30.81
CA MET F 86 17.57 3.47 31.23
C MET F 86 17.58 4.04 32.64
N PRO F 87 18.67 3.85 33.39
CA PRO F 87 18.73 4.36 34.78
C PRO F 87 18.85 5.88 34.85
N GLY G 1 11.71 61.62 -28.21
CA GLY G 1 11.15 60.64 -27.30
C GLY G 1 11.61 59.22 -27.61
N VAL G 2 11.55 58.37 -26.59
CA VAL G 2 11.99 56.98 -26.69
C VAL G 2 10.91 56.08 -26.09
N SER G 3 10.73 54.91 -26.69
CA SER G 3 9.82 53.93 -26.14
C SER G 3 10.31 53.48 -24.75
N GLU G 4 9.37 52.99 -23.95
CA GLU G 4 9.67 52.59 -22.58
C GLU G 4 9.14 51.19 -22.31
N ILE G 5 9.78 50.53 -21.34
CA ILE G 5 9.33 49.25 -20.81
C ILE G 5 8.73 49.50 -19.44
N ARG G 6 7.62 48.84 -19.13
CA ARG G 6 6.95 48.98 -17.85
C ARG G 6 6.75 47.63 -17.20
N HIS G 7 6.90 47.59 -15.88
CA HIS G 7 6.56 46.40 -15.13
C HIS G 7 5.05 46.19 -15.10
N THR G 8 4.65 44.96 -14.81
CA THR G 8 3.24 44.59 -14.72
C THR G 8 2.99 43.88 -13.40
N ALA G 9 1.79 44.09 -12.86
CA ALA G 9 1.46 43.57 -11.54
C ALA G 9 1.35 42.05 -11.55
N ASP G 10 1.75 41.44 -10.44
CA ASP G 10 1.56 40.01 -10.25
C ASP G 10 0.07 39.65 -10.31
N ARG G 11 -0.20 38.35 -10.32
CA ARG G 11 -1.57 37.85 -10.39
C ARG G 11 -1.80 36.79 -9.32
N TRP G 12 -2.93 36.91 -8.64
CA TRP G 12 -3.39 35.93 -7.66
C TRP G 12 -4.25 34.89 -8.37
N ARG G 13 -4.12 33.63 -7.95
CA ARG G 13 -4.73 32.52 -8.70
C ARG G 13 -5.07 31.38 -7.75
N VAL G 14 -6.26 30.79 -7.97
CA VAL G 14 -6.65 29.54 -7.32
C VAL G 14 -7.31 28.64 -8.35
N SER G 15 -7.22 27.33 -8.13
CA SER G 15 -7.83 26.34 -9.01
C SER G 15 -8.69 25.40 -8.20
N LEU G 16 -9.75 24.90 -8.84
CA LEU G 16 -10.73 24.07 -8.16
C LEU G 16 -11.35 23.11 -9.16
N ASP G 17 -11.34 21.81 -8.82
CA ASP G 17 -11.90 20.80 -9.69
C ASP G 17 -13.41 20.69 -9.48
N VAL G 18 -14.18 20.85 -10.54
CA VAL G 18 -15.63 20.83 -10.49
C VAL G 18 -16.17 19.98 -11.63
N ASN G 19 -15.59 18.79 -11.81
CA ASN G 19 -15.93 17.95 -12.96
C ASN G 19 -17.38 17.47 -12.92
N HIS G 20 -18.04 17.54 -11.77
CA HIS G 20 -19.42 17.07 -11.67
C HIS G 20 -20.45 18.10 -12.11
N PHE G 21 -20.04 19.33 -12.42
CA PHE G 21 -20.95 20.41 -12.70
C PHE G 21 -20.72 20.95 -14.11
N ALA G 22 -21.80 21.31 -14.78
CA ALA G 22 -21.71 21.92 -16.10
C ALA G 22 -21.44 23.41 -15.96
N PRO G 23 -20.96 24.06 -17.03
CA PRO G 23 -20.65 25.50 -16.94
C PRO G 23 -21.81 26.34 -16.42
N ASP G 24 -23.02 26.10 -16.91
CA ASP G 24 -24.18 26.89 -16.49
C ASP G 24 -24.67 26.52 -15.09
N GLU G 25 -24.01 25.59 -14.41
CA GLU G 25 -24.34 25.23 -13.04
C GLU G 25 -23.37 25.82 -12.02
N LEU G 26 -22.46 26.69 -12.46
CA LEU G 26 -21.46 27.29 -11.60
C LEU G 26 -21.58 28.81 -11.65
N THR G 27 -21.30 29.46 -10.52
CA THR G 27 -21.31 30.91 -10.43
C THR G 27 -20.12 31.38 -9.61
N VAL G 28 -19.51 32.49 -10.04
CA VAL G 28 -18.39 33.09 -9.34
C VAL G 28 -18.76 34.53 -9.00
N LYS G 29 -18.61 34.89 -7.73
CA LYS G 29 -19.11 36.16 -7.21
C LYS G 29 -18.18 36.64 -6.11
N THR G 30 -17.96 37.96 -6.06
CA THR G 30 -17.07 38.56 -5.08
C THR G 30 -17.88 39.50 -4.19
N LYS G 31 -17.70 39.36 -2.88
CA LYS G 31 -18.45 40.16 -1.91
C LYS G 31 -17.54 40.43 -0.72
N ASP G 32 -17.33 41.70 -0.40
CA ASP G 32 -16.56 42.10 0.78
C ASP G 32 -15.17 41.46 0.78
N GLY G 33 -14.52 41.48 -0.37
CA GLY G 33 -13.19 40.90 -0.48
C GLY G 33 -13.14 39.39 -0.39
N VAL G 34 -14.26 38.72 -0.60
CA VAL G 34 -14.34 37.26 -0.56
C VAL G 34 -14.93 36.78 -1.88
N VAL G 35 -14.28 35.81 -2.49
CA VAL G 35 -14.77 35.19 -3.72
C VAL G 35 -15.62 34.00 -3.34
N GLU G 36 -16.88 33.99 -3.79
CA GLU G 36 -17.81 32.90 -3.55
C GLU G 36 -17.99 32.10 -4.84
N ILE G 37 -17.78 30.79 -4.76
CA ILE G 37 -18.00 29.88 -5.87
C ILE G 37 -19.08 28.88 -5.46
N THR G 38 -20.11 28.76 -6.27
CA THR G 38 -21.27 27.92 -5.95
C THR G 38 -21.58 27.01 -7.12
N GLY G 39 -21.73 25.72 -6.83
CA GLY G 39 -22.18 24.75 -7.82
C GLY G 39 -23.48 24.10 -7.36
N LYS G 40 -24.30 23.71 -8.33
CA LYS G 40 -25.58 23.08 -8.04
C LYS G 40 -26.10 22.41 -9.30
N HIS G 41 -26.40 21.11 -9.21
CA HIS G 41 -27.03 20.40 -10.31
C HIS G 41 -28.19 19.56 -9.77
N GLU G 42 -29.25 19.47 -10.55
CA GLU G 42 -30.46 18.77 -10.13
C GLU G 42 -30.25 17.27 -10.19
N GLU G 43 -31.24 16.53 -9.70
CA GLU G 43 -31.15 15.07 -9.64
C GLU G 43 -30.79 14.51 -11.01
N ARG G 44 -29.81 13.61 -11.02
CA ARG G 44 -29.25 13.06 -12.25
C ARG G 44 -28.98 11.59 -12.05
N GLN G 45 -29.20 10.80 -13.11
CA GLN G 45 -28.95 9.37 -13.07
C GLN G 45 -27.50 9.09 -13.44
N ASP G 46 -26.84 8.28 -12.63
CA ASP G 46 -25.45 7.90 -12.88
C ASP G 46 -25.38 6.36 -12.84
N GLU G 47 -24.16 5.84 -12.70
CA GLU G 47 -23.96 4.40 -12.82
C GLU G 47 -24.64 3.65 -11.68
N HIS G 48 -24.81 4.27 -10.52
CA HIS G 48 -25.30 3.59 -9.33
C HIS G 48 -26.77 3.89 -9.04
N GLY G 49 -27.21 5.14 -9.25
CA GLY G 49 -28.58 5.50 -9.00
C GLY G 49 -28.88 6.92 -9.42
N TYR G 50 -29.46 7.72 -8.53
CA TYR G 50 -29.73 9.12 -8.77
C TYR G 50 -28.95 9.97 -7.77
N ILE G 51 -28.62 11.20 -8.18
CA ILE G 51 -27.71 12.03 -7.40
C ILE G 51 -27.93 13.51 -7.70
N SER G 52 -28.03 14.32 -6.64
CA SER G 52 -27.99 15.77 -6.75
C SER G 52 -26.93 16.31 -5.80
N ARG G 53 -26.27 17.39 -6.19
CA ARG G 53 -25.13 17.93 -5.45
C ARG G 53 -25.23 19.44 -5.35
N CYS G 54 -24.65 19.99 -4.28
N CYS G 54 -24.66 19.98 -4.27
CA CYS G 54 -24.57 21.43 -4.13
CA CYS G 54 -24.59 21.42 -4.04
C CYS G 54 -23.43 21.77 -3.19
C CYS G 54 -23.37 21.73 -3.20
N PHE G 55 -22.76 22.89 -3.46
CA PHE G 55 -21.62 23.32 -2.66
C PHE G 55 -21.42 24.83 -2.81
N THR G 56 -20.83 25.43 -1.80
CA THR G 56 -20.36 26.82 -1.85
C THR G 56 -18.99 26.88 -1.19
N ARG G 57 -17.99 27.37 -1.93
CA ARG G 57 -16.63 27.52 -1.41
C ARG G 57 -16.22 28.98 -1.47
N LYS G 58 -15.41 29.39 -0.50
CA LYS G 58 -15.00 30.79 -0.36
C LYS G 58 -13.49 30.90 -0.30
N TYR G 59 -12.96 31.98 -0.88
CA TYR G 59 -11.55 32.33 -0.79
C TYR G 59 -11.44 33.80 -0.41
N THR G 60 -10.50 34.12 0.47
CA THR G 60 -10.26 35.50 0.90
C THR G 60 -9.19 36.12 0.02
N LEU G 61 -9.52 37.24 -0.61
CA LEU G 61 -8.57 37.90 -1.50
C LEU G 61 -7.49 38.61 -0.69
N PRO G 62 -6.29 38.74 -1.25
CA PRO G 62 -5.28 39.59 -0.60
C PRO G 62 -5.78 41.02 -0.50
N PRO G 63 -5.38 41.75 0.54
CA PRO G 63 -5.88 43.12 0.69
C PRO G 63 -5.50 43.99 -0.49
N GLY G 64 -6.42 44.87 -0.89
CA GLY G 64 -6.16 45.83 -1.94
C GLY G 64 -6.52 45.39 -3.34
N VAL G 65 -6.91 44.13 -3.53
CA VAL G 65 -7.28 43.66 -4.87
C VAL G 65 -8.58 44.33 -5.29
N ASP G 66 -8.62 44.77 -6.54
CA ASP G 66 -9.83 45.35 -7.10
C ASP G 66 -10.85 44.25 -7.36
N PRO G 67 -11.95 44.18 -6.62
CA PRO G 67 -12.91 43.08 -6.84
C PRO G 67 -13.53 43.08 -8.23
N THR G 68 -13.48 44.20 -8.94
CA THR G 68 -14.01 44.26 -10.30
C THR G 68 -13.07 43.64 -11.33
N GLN G 69 -11.86 43.26 -10.94
CA GLN G 69 -10.89 42.68 -11.84
C GLN G 69 -10.78 41.17 -11.70
N VAL G 70 -11.69 40.54 -10.95
CA VAL G 70 -11.67 39.10 -10.76
C VAL G 70 -12.27 38.44 -12.00
N SER G 71 -11.65 37.35 -12.45
CA SER G 71 -12.08 36.62 -13.63
C SER G 71 -11.94 35.13 -13.36
N SER G 72 -12.57 34.33 -14.21
CA SER G 72 -12.52 32.88 -14.07
C SER G 72 -12.71 32.23 -15.43
N SER G 73 -12.18 31.01 -15.57
CA SER G 73 -12.30 30.24 -16.80
C SER G 73 -12.36 28.76 -16.45
N LEU G 74 -13.17 28.02 -17.19
CA LEU G 74 -13.41 26.60 -16.95
C LEU G 74 -12.87 25.81 -18.13
N SER G 75 -11.96 24.87 -17.85
CA SER G 75 -11.34 24.07 -18.89
C SER G 75 -12.21 22.89 -19.25
N PRO G 76 -11.93 22.22 -20.37
CA PRO G 76 -12.72 21.03 -20.73
C PRO G 76 -12.61 19.90 -19.72
N GLU G 77 -11.50 19.83 -18.98
CA GLU G 77 -11.33 18.80 -17.96
C GLU G 77 -12.15 19.05 -16.71
N GLY G 78 -12.87 20.16 -16.64
CA GLY G 78 -13.68 20.47 -15.47
C GLY G 78 -12.95 21.16 -14.35
N THR G 79 -11.87 21.87 -14.66
CA THR G 79 -11.11 22.62 -13.65
C THR G 79 -11.43 24.11 -13.78
N LEU G 80 -11.81 24.72 -12.67
CA LEU G 80 -12.13 26.14 -12.64
C LEU G 80 -10.95 26.91 -12.05
N THR G 81 -10.53 27.96 -12.76
CA THR G 81 -9.49 28.86 -12.29
C THR G 81 -10.10 30.22 -12.02
N VAL G 82 -9.64 30.87 -10.94
CA VAL G 82 -10.07 32.20 -10.57
C VAL G 82 -8.82 33.07 -10.40
N GLU G 83 -8.81 34.22 -11.05
CA GLU G 83 -7.60 35.03 -11.14
C GLU G 83 -7.94 36.49 -10.88
N ALA G 84 -6.95 37.22 -10.38
CA ALA G 84 -7.10 38.65 -10.12
C ALA G 84 -5.72 39.29 -10.08
N PRO G 85 -5.57 40.52 -10.55
CA PRO G 85 -4.29 41.20 -10.46
C PRO G 85 -4.03 41.75 -9.05
N MET G 86 -2.76 41.71 -8.66
CA MET G 86 -2.37 42.26 -7.38
C MET G 86 -2.25 43.79 -7.46
N PRO G 87 -2.43 44.49 -6.35
CA PRO G 87 -2.29 45.96 -6.33
C PRO G 87 -0.97 46.43 -6.96
N VAL H 2 -17.95 6.10 -3.31
CA VAL H 2 -18.28 6.07 -4.73
C VAL H 2 -19.30 4.96 -5.01
N SER H 3 -20.17 4.72 -4.04
CA SER H 3 -21.23 3.71 -4.15
C SER H 3 -20.68 2.39 -4.69
N GLU H 4 -19.72 1.83 -3.96
CA GLU H 4 -19.23 0.49 -4.23
C GLU H 4 -20.32 -0.52 -3.88
N ILE H 5 -20.84 -1.22 -4.90
CA ILE H 5 -21.87 -2.21 -4.68
C ILE H 5 -21.24 -3.48 -4.10
N ARG H 6 -21.94 -4.12 -3.19
CA ARG H 6 -21.44 -5.30 -2.49
C ARG H 6 -22.54 -6.33 -2.31
N HIS H 7 -23.42 -6.44 -3.31
CA HIS H 7 -24.55 -7.35 -3.20
C HIS H 7 -24.07 -8.80 -3.14
N THR H 8 -24.92 -9.64 -2.55
CA THR H 8 -24.70 -11.09 -2.54
C THR H 8 -26.03 -11.74 -2.94
N ALA H 9 -26.20 -13.00 -2.56
CA ALA H 9 -27.47 -13.68 -2.74
C ALA H 9 -28.37 -13.61 -1.51
N ASP H 10 -27.82 -13.18 -0.37
CA ASP H 10 -28.58 -13.08 0.86
C ASP H 10 -28.59 -11.68 1.47
N ARG H 11 -27.86 -10.73 0.89
CA ARG H 11 -27.80 -9.39 1.45
C ARG H 11 -27.62 -8.37 0.34
N TRP H 12 -28.47 -7.33 0.37
CA TRP H 12 -28.29 -6.14 -0.45
C TRP H 12 -27.42 -5.17 0.35
N ARG H 13 -26.30 -4.75 -0.24
CA ARG H 13 -25.34 -3.92 0.47
C ARG H 13 -24.72 -2.91 -0.49
N VAL H 14 -24.56 -1.67 0.00
CA VAL H 14 -23.88 -0.62 -0.74
C VAL H 14 -23.05 0.20 0.25
N SER H 15 -21.90 0.68 -0.23
CA SER H 15 -21.00 1.52 0.56
C SER H 15 -20.75 2.82 -0.20
N LEU H 16 -20.79 3.94 0.53
CA LEU H 16 -20.69 5.26 -0.07
C LEU H 16 -19.62 6.08 0.65
N ASP H 17 -18.80 6.78 -0.14
CA ASP H 17 -17.75 7.64 0.40
C ASP H 17 -18.36 8.99 0.78
N VAL H 18 -18.37 9.29 2.07
CA VAL H 18 -18.89 10.56 2.58
C VAL H 18 -17.94 11.09 3.64
N ASN H 19 -16.64 11.17 3.31
CA ASN H 19 -15.63 11.46 4.32
C ASN H 19 -15.70 12.90 4.82
N HIS H 20 -16.40 13.78 4.11
CA HIS H 20 -16.54 15.17 4.55
C HIS H 20 -17.73 15.37 5.49
N PHE H 21 -18.48 14.33 5.80
CA PHE H 21 -19.70 14.44 6.60
C PHE H 21 -19.56 13.68 7.91
N ALA H 22 -20.08 14.26 8.98
CA ALA H 22 -20.15 13.62 10.29
C ALA H 22 -21.41 12.77 10.39
N PRO H 23 -21.51 11.91 11.40
CA PRO H 23 -22.69 11.04 11.50
C PRO H 23 -24.00 11.80 11.63
N ASP H 24 -24.04 12.86 12.44
CA ASP H 24 -25.27 13.63 12.61
C ASP H 24 -25.61 14.48 11.41
N GLU H 25 -24.79 14.46 10.35
CA GLU H 25 -25.05 15.20 9.13
C GLU H 25 -25.58 14.32 8.01
N LEU H 26 -25.81 13.03 8.27
CA LEU H 26 -26.30 12.08 7.29
C LEU H 26 -27.62 11.50 7.76
N THR H 27 -28.53 11.25 6.81
CA THR H 27 -29.81 10.61 7.13
C THR H 27 -30.13 9.60 6.04
N VAL H 28 -30.69 8.46 6.45
CA VAL H 28 -31.09 7.39 5.55
C VAL H 28 -32.54 7.05 5.83
N LYS H 29 -33.37 7.07 4.78
CA LYS H 29 -34.79 6.77 4.90
C LYS H 29 -35.23 5.94 3.71
N THR H 30 -36.15 5.00 3.95
CA THR H 30 -36.71 4.15 2.92
C THR H 30 -38.16 4.53 2.68
N LYS H 31 -38.58 4.52 1.41
CA LYS H 31 -39.95 4.88 1.07
C LYS H 31 -40.24 4.42 -0.35
N ASP H 32 -41.36 3.71 -0.51
CA ASP H 32 -41.84 3.30 -1.83
C ASP H 32 -40.77 2.56 -2.62
N GLY H 33 -40.06 1.65 -1.94
CA GLY H 33 -39.06 0.85 -2.60
C GLY H 33 -37.80 1.60 -2.99
N VAL H 34 -37.48 2.69 -2.30
CA VAL H 34 -36.31 3.50 -2.62
C VAL H 34 -35.64 3.91 -1.32
N VAL H 35 -34.32 3.76 -1.26
CA VAL H 35 -33.51 4.27 -0.16
C VAL H 35 -32.99 5.65 -0.55
N GLU H 36 -33.14 6.62 0.34
CA GLU H 36 -32.70 7.99 0.11
C GLU H 36 -31.67 8.37 1.15
N ILE H 37 -30.50 8.82 0.70
CA ILE H 37 -29.42 9.24 1.57
C ILE H 37 -29.12 10.70 1.31
N THR H 38 -29.19 11.52 2.36
CA THR H 38 -28.92 12.95 2.26
C THR H 38 -27.84 13.35 3.25
N GLY H 39 -26.94 14.21 2.80
CA GLY H 39 -25.95 14.79 3.68
C GLY H 39 -25.93 16.30 3.52
N LYS H 40 -25.64 16.97 4.63
CA LYS H 40 -25.55 18.43 4.63
C LYS H 40 -24.69 18.87 5.80
N HIS H 41 -23.69 19.71 5.53
CA HIS H 41 -22.87 20.28 6.60
C HIS H 41 -22.64 21.76 6.31
N GLU H 42 -22.54 22.53 7.39
CA GLU H 42 -22.41 23.98 7.30
C GLU H 42 -20.99 24.36 6.88
N GLU H 43 -20.79 25.67 6.67
CA GLU H 43 -19.51 26.19 6.25
C GLU H 43 -18.41 25.74 7.21
N ARG H 44 -17.31 25.24 6.65
CA ARG H 44 -16.30 24.56 7.45
C ARG H 44 -15.00 24.51 6.66
N GLN H 45 -13.87 24.62 7.36
CA GLN H 45 -12.56 24.63 6.72
C GLN H 45 -12.11 23.21 6.41
N ASP H 46 -11.71 22.98 5.16
CA ASP H 46 -11.02 21.75 4.80
C ASP H 46 -9.62 22.10 4.31
N GLU H 47 -8.98 21.20 3.55
CA GLU H 47 -7.59 21.43 3.17
C GLU H 47 -7.42 22.66 2.28
N HIS H 48 -8.50 23.21 1.72
CA HIS H 48 -8.41 24.35 0.82
C HIS H 48 -9.07 25.62 1.33
N GLY H 49 -9.93 25.53 2.34
CA GLY H 49 -10.60 26.69 2.89
C GLY H 49 -12.01 26.36 3.30
N TYR H 50 -12.81 27.40 3.53
CA TYR H 50 -14.19 27.23 3.98
C TYR H 50 -15.05 26.71 2.84
N ILE H 51 -15.91 25.74 3.16
CA ILE H 51 -16.81 25.16 2.17
C ILE H 51 -17.98 24.50 2.89
N SER H 52 -19.15 24.57 2.27
CA SER H 52 -20.32 23.82 2.69
C SER H 52 -20.76 22.90 1.54
N ARG H 53 -21.34 21.76 1.88
CA ARG H 53 -21.71 20.75 0.91
C ARG H 53 -23.09 20.19 1.20
N CYS H 54 -23.76 19.71 0.14
N CYS H 54 -23.75 19.69 0.15
CA CYS H 54 -25.04 19.05 0.28
CA CYS H 54 -25.03 19.02 0.30
C CYS H 54 -25.23 18.10 -0.89
C CYS H 54 -25.22 18.09 -0.89
N PHE H 55 -25.89 16.96 -0.63
CA PHE H 55 -26.16 15.99 -1.69
C PHE H 55 -27.36 15.13 -1.29
N THR H 56 -27.97 14.53 -2.31
CA THR H 56 -29.01 13.52 -2.13
C THR H 56 -28.76 12.40 -3.12
N ARG H 57 -28.76 11.16 -2.64
CA ARG H 57 -28.57 9.99 -3.49
C ARG H 57 -29.66 8.98 -3.22
N LYS H 58 -30.14 8.32 -4.26
CA LYS H 58 -31.17 7.32 -4.22
C LYS H 58 -30.81 6.01 -4.87
N TYR H 59 -31.18 4.94 -4.23
CA TYR H 59 -31.01 3.62 -4.73
C TYR H 59 -32.37 2.88 -4.75
N THR H 60 -32.57 1.99 -5.71
CA THR H 60 -33.77 1.17 -5.82
C THR H 60 -33.53 -0.15 -5.09
N LEU H 61 -34.39 -0.45 -4.12
CA LEU H 61 -34.32 -1.71 -3.40
C LEU H 61 -34.99 -2.83 -4.21
N PRO H 62 -34.53 -4.07 -4.07
CA PRO H 62 -35.23 -5.19 -4.68
C PRO H 62 -36.63 -5.30 -4.11
N PRO H 63 -37.63 -5.66 -4.92
CA PRO H 63 -39.00 -5.74 -4.39
C PRO H 63 -39.10 -6.73 -3.25
N GLY H 64 -39.82 -6.33 -2.20
CA GLY H 64 -40.06 -7.21 -1.08
C GLY H 64 -39.10 -7.06 0.08
N VAL H 65 -38.37 -5.95 0.16
CA VAL H 65 -37.47 -5.70 1.27
C VAL H 65 -38.22 -4.94 2.36
N ASP H 66 -38.18 -5.48 3.58
CA ASP H 66 -38.80 -4.81 4.71
C ASP H 66 -38.02 -3.54 5.03
N PRO H 67 -38.62 -2.36 4.94
CA PRO H 67 -37.86 -1.13 5.21
C PRO H 67 -37.36 -1.01 6.64
N THR H 68 -37.95 -1.77 7.58
CA THR H 68 -37.49 -1.73 8.97
C THR H 68 -36.24 -2.57 9.20
N GLN H 69 -35.79 -3.34 8.20
CA GLN H 69 -34.59 -4.15 8.31
C GLN H 69 -33.40 -3.51 7.62
N VAL H 70 -33.49 -2.24 7.27
CA VAL H 70 -32.38 -1.51 6.64
C VAL H 70 -31.54 -0.87 7.72
N SER H 71 -30.24 -1.16 7.71
CA SER H 71 -29.30 -0.61 8.67
C SER H 71 -28.26 0.25 7.96
N SER H 72 -27.85 1.32 8.64
CA SER H 72 -26.85 2.23 8.13
C SER H 72 -25.85 2.54 9.25
N SER H 73 -24.56 2.54 8.90
CA SER H 73 -23.51 2.83 9.87
C SER H 73 -22.34 3.50 9.15
N LEU H 74 -21.72 4.45 9.84
CA LEU H 74 -20.58 5.21 9.31
C LEU H 74 -19.32 4.78 10.03
N SER H 75 -18.29 4.42 9.26
CA SER H 75 -17.01 4.02 9.82
C SER H 75 -16.16 5.24 10.14
N PRO H 76 -15.10 5.07 10.94
CA PRO H 76 -14.25 6.24 11.27
C PRO H 76 -13.54 6.82 10.07
N GLU H 77 -13.40 6.07 8.98
CA GLU H 77 -12.75 6.57 7.77
C GLU H 77 -13.72 7.17 6.77
N GLY H 78 -15.02 7.23 7.10
CA GLY H 78 -15.98 7.94 6.28
C GLY H 78 -16.74 7.10 5.28
N THR H 79 -16.79 5.78 5.46
CA THR H 79 -17.58 4.91 4.60
C THR H 79 -18.95 4.68 5.24
N LEU H 80 -20.01 5.03 4.53
CA LEU H 80 -21.37 4.77 4.96
C LEU H 80 -21.86 3.49 4.29
N THR H 81 -22.22 2.50 5.08
CA THR H 81 -22.68 1.20 4.60
C THR H 81 -24.17 1.05 4.86
N VAL H 82 -24.96 0.86 3.80
CA VAL H 82 -26.39 0.63 3.89
C VAL H 82 -26.65 -0.79 3.39
N GLU H 83 -27.31 -1.60 4.20
CA GLU H 83 -27.54 -2.99 3.84
C GLU H 83 -28.88 -3.46 4.37
N ALA H 84 -29.41 -4.50 3.74
CA ALA H 84 -30.67 -5.12 4.13
C ALA H 84 -30.65 -6.57 3.69
N PRO H 85 -31.46 -7.43 4.31
CA PRO H 85 -31.51 -8.83 3.91
C PRO H 85 -32.48 -9.10 2.76
N MET H 86 -32.16 -10.15 2.00
CA MET H 86 -33.00 -10.56 0.87
C MET H 86 -34.12 -11.48 1.37
N PRO H 87 -35.38 -11.25 0.95
CA PRO H 87 -36.46 -12.13 1.41
C PRO H 87 -36.43 -13.51 0.75
N ALA I 1 7.09 -16.22 -17.44
CA ALA I 1 6.50 -16.50 -16.14
C ALA I 1 6.22 -18.00 -15.99
N LEU I 2 5.95 -18.66 -17.12
CA LEU I 2 6.03 -20.11 -17.23
C LEU I 2 4.72 -20.81 -16.86
N SER I 3 4.74 -22.15 -16.93
CA SER I 3 3.62 -23.06 -16.65
C SER I 3 2.64 -23.15 -17.80
N ARG I 4 2.97 -22.60 -18.97
CA ARG I 4 2.10 -22.68 -20.14
C ARG I 4 2.92 -23.22 -21.30
N GLN I 5 2.81 -24.52 -21.55
CA GLN I 5 3.57 -25.17 -22.62
C GLN I 5 2.66 -26.06 -23.46
N LEU J 1 -16.11 15.19 11.55
CA LEU J 1 -15.20 15.18 10.42
C LEU J 1 -14.65 13.79 10.17
N SER J 2 -15.29 13.05 9.27
CA SER J 2 -14.87 11.69 8.95
C SER J 2 -13.79 11.71 7.87
N GLY J 3 -13.73 6.34 2.51
CA GLY J 3 -13.97 6.08 1.11
C GLY J 3 -14.64 4.74 0.86
N VAL J 4 -14.52 4.23 -0.37
CA VAL J 4 -15.12 2.96 -0.74
C VAL J 4 -16.61 3.15 -0.99
N ALA K 1 -1.30 -22.86 15.08
CA ALA K 1 -1.85 -21.55 14.74
C ALA K 1 -0.74 -20.62 14.26
N LEU K 2 0.11 -20.20 15.19
CA LEU K 2 1.34 -19.47 14.87
C LEU K 2 1.07 -18.01 14.54
N SER K 3 2.09 -17.18 14.69
CA SER K 3 1.99 -15.75 14.38
C SER K 3 2.52 -15.51 12.98
N ARG K 4 1.90 -14.57 12.27
CA ARG K 4 2.29 -14.28 10.89
C ARG K 4 1.61 -13.02 10.37
N ALA L 1 8.57 19.95 -9.01
CA ALA L 1 8.62 21.36 -9.37
C ALA L 1 8.90 22.22 -8.14
N LEU L 2 7.87 22.40 -7.32
CA LEU L 2 8.01 23.14 -6.07
C LEU L 2 8.31 24.62 -6.33
N SER L 3 8.48 25.38 -5.26
CA SER L 3 8.87 26.77 -5.34
C SER L 3 10.40 26.85 -5.34
N ARG L 4 10.96 28.02 -5.04
CA ARG L 4 12.41 28.23 -4.94
C ARG L 4 12.74 29.68 -5.31
#